data_2KYE
#
_entry.id   2KYE
#
_entity_poly.entity_id   1
_entity_poly.type   'polyribonucleotide'
_entity_poly.pdbx_seq_one_letter_code
;GAGAG(PSU)(PSU)GGGC(PSU)C(PSU)C
;
_entity_poly.pdbx_strand_id   A
#
loop_
_chem_comp.id
_chem_comp.type
_chem_comp.name
_chem_comp.formula
A RNA linking ADENOSINE-5'-MONOPHOSPHATE 'C10 H14 N5 O7 P'
C RNA linking CYTIDINE-5'-MONOPHOSPHATE 'C9 H14 N3 O8 P'
G RNA linking GUANOSINE-5'-MONOPHOSPHATE 'C10 H14 N5 O8 P'
PSU RNA linking PSEUDOURIDINE-5'-MONOPHOSPHATE 'C9 H13 N2 O9 P'
#
# COMPACT_ATOMS: atom_id res chain seq x y z
N1 PSU A 6 2.43 -7.37 -2.13
C2 PSU A 6 3.61 -7.38 -1.46
N3 PSU A 6 4.37 -6.23 -1.45
C4 PSU A 6 4.02 -5.04 -2.07
C5 PSU A 6 2.75 -5.11 -2.76
C6 PSU A 6 2.00 -6.23 -2.77
O2 PSU A 6 4.00 -8.39 -0.87
O4 PSU A 6 4.78 -4.08 -1.99
C1' PSU A 6 2.25 -3.90 -3.51
C2' PSU A 6 2.90 -3.82 -4.88
O2' PSU A 6 3.25 -2.48 -5.24
C3' PSU A 6 1.83 -4.38 -5.81
C4' PSU A 6 0.53 -4.03 -5.10
O3' PSU A 6 1.88 -3.65 -7.04
O4' PSU A 6 0.83 -3.98 -3.71
C5' PSU A 6 -0.56 -5.06 -5.40
O5' PSU A 6 -1.54 -5.12 -4.36
P PSU A 6 -2.62 -6.32 -4.33
OP1 PSU A 6 -3.29 -6.36 -5.64
OP2 PSU A 6 -1.95 -7.54 -3.81
HN1 PSU A 6 1.87 -8.22 -2.14
HN3 PSU A 6 5.24 -6.26 -0.95
H6 PSU A 6 1.05 -6.24 -3.30
H1' PSU A 6 2.50 -3.00 -2.94
H2' PSU A 6 3.77 -4.48 -4.92
HO2' PSU A 6 3.35 -2.00 -4.41
H3' PSU A 6 1.93 -5.44 -5.96
H4' PSU A 6 0.19 -3.04 -5.43
H5' PSU A 6 -1.06 -4.79 -6.33
H5'' PSU A 6 -0.10 -6.03 -5.51
N1 PSU A 7 6.48 -6.73 -6.48
C2 PSU A 7 7.70 -7.37 -6.37
N3 PSU A 7 8.78 -6.63 -5.99
C4 PSU A 7 8.78 -5.27 -5.70
C5 PSU A 7 7.48 -4.66 -5.84
C6 PSU A 7 6.38 -5.39 -6.22
O2 PSU A 7 7.80 -8.57 -6.60
O4 PSU A 7 9.83 -4.72 -5.37
C1' PSU A 7 7.32 -3.19 -5.57
C2' PSU A 7 8.11 -2.37 -6.60
O2' PSU A 7 9.14 -1.60 -5.97
C3' PSU A 7 7.07 -1.46 -7.24
C4' PSU A 7 5.73 -2.11 -6.90
O3' PSU A 7 7.11 -0.19 -6.57
O4' PSU A 7 5.95 -2.79 -5.66
C5' PSU A 7 5.31 -3.09 -7.99
O5' PSU A 7 4.32 -4.01 -7.52
P PSU A 7 2.88 -4.10 -8.22
OP1 PSU A 7 2.82 -3.09 -9.30
OP2 PSU A 7 2.61 -5.53 -8.53
HN1 PSU A 7 5.68 -7.28 -6.76
HN3 PSU A 7 9.66 -7.11 -5.91
H6 PSU A 7 5.41 -4.90 -6.31
H1' PSU A 7 7.70 -2.97 -4.57
H2' PSU A 7 8.54 -3.03 -7.35
HO2' PSU A 7 8.95 -0.67 -6.13
H3' PSU A 7 7.20 -1.36 -8.31
H4' PSU A 7 4.97 -1.35 -6.76
H5' PSU A 7 4.89 -2.53 -8.83
H5'' PSU A 7 6.18 -3.63 -8.35
N1 PSU A 12 1.08 3.45 2.52
C2 PSU A 12 0.71 2.20 2.95
N3 PSU A 12 -0.50 1.72 2.53
C4 PSU A 12 -1.41 2.38 1.70
C5 PSU A 12 -0.96 3.69 1.30
C6 PSU A 12 0.26 4.18 1.71
O2 PSU A 12 1.43 1.54 3.67
O4 PSU A 12 -2.47 1.84 1.40
C1' PSU A 12 -1.83 4.54 0.41
C2' PSU A 12 -2.68 5.48 1.25
O2' PSU A 12 -3.99 5.65 0.68
C3' PSU A 12 -1.88 6.77 1.21
C4' PSU A 12 -1.28 6.74 -0.19
O3' PSU A 12 -2.79 7.88 1.28
O4' PSU A 12 -1.02 5.36 -0.45
C5' PSU A 12 0.00 7.57 -0.26
O5' PSU A 12 0.73 7.52 0.98
P PSU A 12 1.71 8.73 1.41
OP1 PSU A 12 1.15 9.98 0.85
OP2 PSU A 12 1.97 8.62 2.86
HN1 PSU A 12 1.97 3.81 2.83
HN3 PSU A 12 -0.77 0.80 2.84
H6 PSU A 12 0.57 5.17 1.39
H1' PSU A 12 -2.46 3.89 -0.18
H2' PSU A 12 -2.75 5.12 2.29
HO2' PSU A 12 -4.39 6.41 1.12
H3' PSU A 12 -1.12 6.81 1.98
H4' PSU A 12 -1.99 7.13 -0.91
H5' PSU A 12 0.63 7.20 -1.05
H5'' PSU A 12 -0.26 8.62 -0.46
N1 PSU A 14 -4.81 3.68 8.78
C2 PSU A 14 -3.97 2.94 9.56
N3 PSU A 14 -4.48 1.88 10.26
C4 PSU A 14 -5.82 1.48 10.26
C5 PSU A 14 -6.65 2.31 9.42
C6 PSU A 14 -6.14 3.36 8.72
O2 PSU A 14 -2.77 3.22 9.62
O4 PSU A 14 -6.15 0.51 10.93
C1' PSU A 14 -8.12 1.99 9.32
C2' PSU A 14 -8.92 2.83 10.31
O2' PSU A 14 -10.08 2.12 10.77
C3' PSU A 14 -9.30 4.04 9.48
C4' PSU A 14 -9.43 3.49 8.07
O3' PSU A 14 -10.60 4.47 9.91
O4' PSU A 14 -8.61 2.32 8.01
C5' PSU A 14 -8.98 4.52 7.04
O5' PSU A 14 -8.11 5.50 7.62
P PSU A 14 -7.80 6.87 6.85
OP1 PSU A 14 -9.04 7.67 6.79
OP2 PSU A 14 -6.56 7.46 7.43
HN1 PSU A 14 -4.43 4.46 8.27
HN3 PSU A 14 -3.84 1.34 10.83
H6 PSU A 14 -6.81 3.96 8.10
H1' PSU A 14 -8.27 0.93 9.52
H2' PSU A 14 -8.28 3.13 11.15
HO2' PSU A 14 -10.83 2.69 10.66
H3' PSU A 14 -8.56 4.83 9.55
H4' PSU A 14 -10.47 3.22 7.88
H5' PSU A 14 -8.46 4.02 6.23
H5'' PSU A 14 -9.85 5.03 6.63
N1 PSU A 6 1.95 -7.24 -1.98
C2 PSU A 6 3.06 -7.45 -1.23
N3 PSU A 6 3.93 -6.41 -1.05
C4 PSU A 6 3.78 -5.14 -1.56
C5 PSU A 6 2.59 -4.99 -2.35
C6 PSU A 6 1.71 -6.02 -2.54
O2 PSU A 6 3.28 -8.56 -0.72
O4 PSU A 6 4.64 -4.29 -1.33
C1' PSU A 6 2.30 -3.65 -3.00
C2' PSU A 6 3.05 -3.53 -4.34
O2' PSU A 6 3.71 -2.27 -4.45
C3' PSU A 6 1.94 -3.67 -5.37
C4' PSU A 6 0.70 -3.16 -4.65
O3' PSU A 6 2.23 -2.78 -6.45
O4' PSU A 6 0.89 -3.52 -3.29
C5' PSU A 6 -0.58 -3.77 -5.21
O5' PSU A 6 -1.40 -4.31 -4.17
P PSU A 6 -2.47 -5.47 -4.49
OP1 PSU A 6 -3.11 -5.17 -5.79
OP2 PSU A 6 -1.81 -6.79 -4.28
HN1 PSU A 6 1.30 -8.01 -2.11
HN3 PSU A 6 4.75 -6.59 -0.48
H6 PSU A 6 0.82 -5.85 -3.14
H1' PSU A 6 2.62 -2.85 -2.33
H2' PSU A 6 3.75 -4.37 -4.44
HO2' PSU A 6 3.72 -2.04 -5.38
H3' PSU A 6 1.82 -4.70 -5.72
H4' PSU A 6 0.66 -2.08 -4.73
H5' PSU A 6 -1.13 -3.00 -5.74
H5'' PSU A 6 -0.32 -4.57 -5.91
N1 PSU A 7 5.66 -6.00 -6.97
C2 PSU A 7 6.58 -7.00 -6.78
N3 PSU A 7 7.77 -6.67 -6.21
C4 PSU A 7 8.17 -5.40 -5.80
C5 PSU A 7 7.16 -4.39 -6.03
C6 PSU A 7 5.95 -4.71 -6.61
O2 PSU A 7 6.33 -8.15 -7.11
O4 PSU A 7 9.27 -5.24 -5.29
C1' PSU A 7 7.42 -2.97 -5.64
C2' PSU A 7 8.34 -2.29 -6.65
O2' PSU A 7 9.27 -1.42 -6.00
C3' PSU A 7 7.38 -1.52 -7.54
C4' PSU A 7 6.14 -1.29 -6.68
O3' PSU A 7 7.97 -0.26 -7.87
O4' PSU A 7 6.21 -2.20 -5.58
C5' PSU A 7 4.87 -1.50 -7.49
O5' PSU A 7 4.49 -2.88 -7.53
P PSU A 7 2.97 -3.32 -7.78
OP1 PSU A 7 2.44 -2.55 -8.94
OP2 PSU A 7 2.90 -4.79 -7.79
HN1 PSU A 7 4.78 -6.23 -7.41
HN3 PSU A 7 8.44 -7.42 -6.07
H6 PSU A 7 5.21 -3.93 -6.77
H1' PSU A 7 7.90 -2.95 -4.65
H2' PSU A 7 8.86 -3.05 -7.23
HO2' PSU A 7 9.25 -1.61 -5.06
H3' PSU A 7 7.13 -2.10 -8.44
H4' PSU A 7 6.15 -0.26 -6.29
H5' PSU A 7 4.05 -0.93 -7.04
H5'' PSU A 7 5.03 -1.14 -8.51
N1 PSU A 12 0.99 3.37 2.82
C2 PSU A 12 0.57 2.12 3.16
N3 PSU A 12 -0.62 1.67 2.66
C4 PSU A 12 -1.48 2.39 1.83
C5 PSU A 12 -0.97 3.70 1.51
C6 PSU A 12 0.21 4.15 2.01
O2 PSU A 12 1.26 1.41 3.90
O4 PSU A 12 -2.53 1.88 1.46
C1' PSU A 12 -1.78 4.61 0.62
C2' PSU A 12 -2.86 5.33 1.42
O2' PSU A 12 -4.11 5.32 0.73
C3' PSU A 12 -2.31 6.75 1.53
C4' PSU A 12 -1.48 6.89 0.27
O3' PSU A 12 -3.40 7.67 1.47
O4' PSU A 12 -0.94 5.60 0.01
C5' PSU A 12 -0.38 7.94 0.45
O5' PSU A 12 0.53 7.57 1.48
P PSU A 12 1.65 8.60 2.00
OP1 PSU A 12 1.15 9.98 1.75
OP2 PSU A 12 2.06 8.22 3.37
HN1 PSU A 12 1.87 3.70 3.18
HN3 PSU A 12 -0.91 0.74 2.93
H6 PSU A 12 0.56 5.15 1.74
H1' PSU A 12 -2.26 4.00 -0.17
H2' PSU A 12 -2.96 4.89 2.42
HO2' PSU A 12 -4.73 5.83 1.25
H3' PSU A 12 -1.70 6.88 2.43
H4' PSU A 12 -2.13 7.19 -0.56
H5' PSU A 12 0.17 8.04 -0.49
H5'' PSU A 12 -0.83 8.90 0.70
N1 PSU A 14 -5.13 3.40 8.61
C2 PSU A 14 -4.13 2.76 9.28
N3 PSU A 14 -4.45 1.67 10.04
C4 PSU A 14 -5.73 1.14 10.21
C5 PSU A 14 -6.73 1.88 9.48
C6 PSU A 14 -6.42 2.97 8.72
O2 PSU A 14 -2.96 3.15 9.20
O4 PSU A 14 -5.89 0.16 10.92
C1' PSU A 14 -8.18 1.43 9.56
C2' PSU A 14 -8.94 2.26 10.58
O2' PSU A 14 -9.97 1.49 11.22
C3' PSU A 14 -9.52 3.37 9.72
C4' PSU A 14 -9.76 2.70 8.37
O3' PSU A 14 -10.79 3.74 10.27
O4' PSU A 14 -8.84 1.60 8.30
C5' PSU A 14 -9.53 3.68 7.23
O5' PSU A 14 -8.62 4.72 7.60
P PSU A 14 -8.67 6.14 6.85
OP1 PSU A 14 -10.06 6.62 6.83
OP2 PSU A 14 -7.59 7.00 7.42
HN1 PSU A 14 -4.89 4.22 8.06
HN3 PSU A 14 -3.70 1.20 10.53
H6 PSU A 14 -7.22 3.49 8.18
H1' PSU A 14 -8.20 0.38 9.86
H2' PSU A 14 -8.25 2.69 11.31
HO2' PSU A 14 -10.80 1.93 11.04
H3' PSU A 14 -8.85 4.22 9.64
H4' PSU A 14 -10.77 2.32 8.33
H5' PSU A 14 -9.12 3.14 6.37
H5'' PSU A 14 -10.48 4.12 6.95
N1 PSU A 6 2.40 -7.26 -2.08
C2 PSU A 6 3.55 -7.25 -1.36
N3 PSU A 6 4.28 -6.08 -1.34
C4 PSU A 6 3.95 -4.92 -2.00
C5 PSU A 6 2.72 -5.01 -2.75
C6 PSU A 6 1.99 -6.15 -2.77
O2 PSU A 6 3.93 -8.24 -0.74
O4 PSU A 6 4.70 -3.94 -1.90
C1' PSU A 6 2.25 -3.82 -3.54
C2' PSU A 6 2.91 -3.82 -4.92
O2' PSU A 6 3.27 -2.49 -5.33
C3' PSU A 6 1.83 -4.40 -5.82
C4' PSU A 6 0.55 -3.93 -5.16
O3' PSU A 6 1.93 -3.78 -7.11
O4' PSU A 6 0.84 -3.89 -3.76
C5' PSU A 6 -0.60 -4.88 -5.47
O5' PSU A 6 -1.67 -4.72 -4.54
P PSU A 6 -2.94 -5.72 -4.54
OP1 PSU A 6 -3.72 -5.47 -5.78
OP2 PSU A 6 -2.44 -7.08 -4.24
HN1 PSU A 6 1.85 -8.11 -2.09
HN3 PSU A 6 5.14 -6.09 -0.80
H6 PSU A 6 1.05 -6.18 -3.32
H1' PSU A 6 2.50 -2.90 -3.01
H2' PSU A 6 3.79 -4.48 -4.92
HO2' PSU A 6 2.83 -2.32 -6.16
H3' PSU A 6 1.89 -5.49 -5.88
H4' PSU A 6 0.30 -2.93 -5.51
H5' PSU A 6 -0.98 -4.68 -6.48
H5'' PSU A 6 -0.25 -5.91 -5.42
N1 PSU A 7 6.61 -6.92 -5.77
C2 PSU A 7 7.73 -7.31 -5.08
N3 PSU A 7 8.53 -6.35 -4.52
C4 PSU A 7 8.29 -4.98 -4.57
C5 PSU A 7 7.10 -4.63 -5.29
C6 PSU A 7 6.30 -5.59 -5.86
O2 PSU A 7 8.03 -8.50 -4.99
O4 PSU A 7 9.08 -4.21 -4.01
C1' PSU A 7 6.70 -3.19 -5.43
C2' PSU A 7 7.55 -2.49 -6.49
O2' PSU A 7 8.60 -1.73 -5.90
C3' PSU A 7 6.54 -1.59 -7.19
C4' PSU A 7 5.24 -2.35 -7.06
O3' PSU A 7 6.44 -0.37 -6.47
O4' PSU A 7 5.33 -3.08 -5.83
C5' PSU A 7 5.03 -3.29 -8.24
O5' PSU A 7 4.23 -4.43 -7.87
P PSU A 7 2.68 -4.52 -8.32
OP1 PSU A 7 2.51 -3.72 -9.54
OP2 PSU A 7 2.30 -5.95 -8.30
HN1 PSU A 7 6.05 -7.63 -6.19
HN3 PSU A 7 9.34 -6.65 -4.02
H6 PSU A 7 5.41 -5.29 -6.42
H1' PSU A 7 6.84 -2.69 -4.47
H2' PSU A 7 7.95 -3.22 -7.19
HO2' PSU A 7 9.41 -2.23 -5.98
H3' PSU A 7 6.81 -1.43 -8.25
H4' PSU A 7 4.40 -1.64 -7.00
H5' PSU A 7 4.51 -2.75 -9.04
H5'' PSU A 7 5.99 -3.63 -8.61
N1 PSU A 12 1.03 3.29 2.70
C2 PSU A 12 0.54 2.07 3.04
N3 PSU A 12 -0.70 1.72 2.57
C4 PSU A 12 -1.52 2.49 1.77
C5 PSU A 12 -0.94 3.77 1.46
C6 PSU A 12 0.30 4.13 1.92
O2 PSU A 12 1.19 1.30 3.75
O4 PSU A 12 -2.61 2.07 1.42
C1' PSU A 12 -1.71 4.74 0.60
C2' PSU A 12 -2.61 5.63 1.48
O2' PSU A 12 -3.85 5.92 0.83
C3' PSU A 12 -1.77 6.88 1.65
C4' PSU A 12 -1.02 6.97 0.33
O3' PSU A 12 -2.64 8.01 1.76
O4' PSU A 12 -0.82 5.62 -0.11
C5' PSU A 12 0.30 7.72 0.49
O5' PSU A 12 0.93 7.41 1.74
P PSU A 12 2.03 8.42 2.36
OP1 PSU A 12 1.53 9.80 2.23
OP2 PSU A 12 2.42 7.90 3.70
HN1 PSU A 12 1.94 3.55 3.04
HN3 PSU A 12 -1.05 0.81 2.84
H6 PSU A 12 0.70 5.12 1.65
H1' PSU A 12 -2.33 4.20 -0.11
H2' PSU A 12 -2.76 5.15 2.44
HO2' PSU A 12 -4.01 5.22 0.20
H3' PSU A 12 -1.08 6.80 2.49
H4' PSU A 12 -1.64 7.50 -0.40
H5' PSU A 12 0.97 7.43 -0.32
H5'' PSU A 12 0.12 8.79 0.43
N1 PSU A 14 -5.03 3.83 8.64
C2 PSU A 14 -4.10 3.11 9.34
N3 PSU A 14 -4.51 1.97 9.98
C4 PSU A 14 -5.80 1.45 9.96
C5 PSU A 14 -6.72 2.26 9.21
C6 PSU A 14 -6.33 3.40 8.58
O2 PSU A 14 -2.93 3.49 9.41
O4 PSU A 14 -6.03 0.41 10.58
C1' PSU A 14 -8.16 1.82 9.11
C2' PSU A 14 -9.01 2.56 10.13
O2' PSU A 14 -10.09 1.74 10.61
C3' PSU A 14 -9.54 3.74 9.32
C4' PSU A 14 -9.66 3.18 7.91
O3' PSU A 14 -10.85 4.05 9.79
O4' PSU A 14 -8.69 2.13 7.81
C5' PSU A 14 -9.42 4.26 6.86
O5' PSU A 14 -8.21 5.00 7.13
P PSU A 14 -8.08 6.54 6.70
OP1 PSU A 14 -9.44 7.14 6.69
OP2 PSU A 14 -7.01 7.15 7.50
HN1 PSU A 14 -4.73 4.67 8.17
HN3 PSU A 14 -3.81 1.45 10.49
H6 PSU A 14 -7.06 3.97 8.02
H1' PSU A 14 -8.23 0.75 9.29
H2' PSU A 14 -8.39 2.92 10.95
HO2' PSU A 14 -10.87 1.96 10.09
H3' PSU A 14 -8.87 4.60 9.36
H4' PSU A 14 -10.66 2.75 7.77
H5' PSU A 14 -9.34 3.80 5.88
H5'' PSU A 14 -10.27 4.95 6.87
N1 PSU A 6 2.77 -7.43 -2.22
C2 PSU A 6 3.96 -7.43 -1.56
N3 PSU A 6 4.68 -6.26 -1.53
C4 PSU A 6 4.30 -5.05 -2.11
C5 PSU A 6 3.03 -5.14 -2.79
C6 PSU A 6 2.31 -6.30 -2.83
O2 PSU A 6 4.39 -8.44 -1.01
O4 PSU A 6 5.02 -4.07 -2.01
C1' PSU A 6 2.49 -3.92 -3.51
C2' PSU A 6 3.14 -3.79 -4.88
O2' PSU A 6 3.53 -2.44 -5.15
C3' PSU A 6 2.07 -4.27 -5.83
C4' PSU A 6 0.78 -3.94 -5.11
O3' PSU A 6 2.13 -3.47 -7.02
O4' PSU A 6 1.08 -4.04 -3.71
C5' PSU A 6 -0.35 -4.90 -5.51
O5' PSU A 6 -1.35 -4.99 -4.51
P PSU A 6 -2.37 -6.24 -4.48
OP1 PSU A 6 -3.10 -6.27 -5.77
OP2 PSU A 6 -1.63 -7.43 -4.02
HN1 PSU A 6 2.24 -8.30 -2.25
HN3 PSU A 6 5.56 -6.27 -1.04
H6 PSU A 6 1.35 -6.30 -3.35
H1' PSU A 6 2.71 -3.04 -2.92
H2' PSU A 6 4.01 -4.46 -4.94
HO2' PSU A 6 2.77 -1.89 -4.98
H3' PSU A 6 2.15 -5.34 -6.05
H4' PSU A 6 0.47 -2.91 -5.34
H5' PSU A 6 -0.80 -4.54 -6.44
H5'' PSU A 6 0.08 -5.88 -5.68
N1 PSU A 7 6.70 -6.73 -5.96
C2 PSU A 7 7.70 -7.26 -5.19
N3 PSU A 7 8.50 -6.39 -4.49
C4 PSU A 7 8.40 -5.01 -4.49
C5 PSU A 7 7.31 -4.53 -5.32
C6 PSU A 7 6.51 -5.39 -6.02
O2 PSU A 7 7.87 -8.47 -5.12
O4 PSU A 7 9.18 -4.34 -3.82
C1' PSU A 7 7.07 -3.05 -5.42
C2' PSU A 7 7.91 -2.43 -6.52
O2' PSU A 7 9.17 -1.96 -6.04
C3' PSU A 7 7.04 -1.28 -6.99
C4' PSU A 7 5.62 -1.82 -6.81
O3' PSU A 7 7.21 -0.19 -6.08
O4' PSU A 7 5.70 -2.78 -5.75
C5' PSU A 7 5.12 -2.47 -8.10
O5' PSU A 7 4.49 -3.72 -7.85
P PSU A 7 2.97 -3.99 -8.30
OP1 PSU A 7 2.67 -3.11 -9.44
OP2 PSU A 7 2.77 -5.45 -8.42
HN1 PSU A 7 6.11 -7.38 -6.47
HN3 PSU A 7 9.23 -6.79 -3.92
H6 PSU A 7 5.71 -4.98 -6.64
H1' PSU A 7 7.32 -2.57 -4.47
H2' PSU A 7 8.04 -3.14 -7.34
HO2' PSU A 7 9.44 -2.56 -5.33
H3' PSU A 7 7.25 -0.99 -8.02
H4' PSU A 7 4.96 -1.01 -6.52
H5' PSU A 7 4.40 -1.80 -8.57
H5'' PSU A 7 5.96 -2.61 -8.78
N1 PSU A 12 1.51 3.40 3.24
C2 PSU A 12 1.07 2.15 3.52
N3 PSU A 12 -0.09 1.71 2.91
C4 PSU A 12 -0.86 2.45 2.02
C5 PSU A 12 -0.33 3.76 1.77
C6 PSU A 12 0.82 4.20 2.37
O2 PSU A 12 1.68 1.41 4.29
O4 PSU A 12 -1.88 1.96 1.55
C1' PSU A 12 -1.06 4.69 0.83
C2' PSU A 12 -2.13 5.47 1.58
O2' PSU A 12 -3.27 5.72 0.74
C3' PSU A 12 -1.41 6.76 1.93
C4' PSU A 12 -0.47 6.96 0.76
O3' PSU A 12 -2.36 7.82 1.94
O4' PSU A 12 -0.16 5.65 0.27
C5' PSU A 12 0.80 7.71 1.19
O5' PSU A 12 1.51 6.98 2.20
P PSU A 12 2.79 7.63 2.92
OP1 PSU A 12 2.56 9.09 3.04
OP2 PSU A 12 3.10 6.83 4.13
HN1 PSU A 12 2.36 3.71 3.69
HN3 PSU A 12 -0.40 0.78 3.13
H6 PSU A 12 1.19 5.21 2.16
H1' PSU A 12 -1.52 4.10 0.03
H2' PSU A 12 -2.42 4.94 2.49
HO2' PSU A 12 -3.12 5.28 -0.09
H3' PSU A 12 -0.87 6.68 2.88
H4' PSU A 12 -0.97 7.53 -0.02
H5' PSU A 12 1.45 7.84 0.32
H5'' PSU A 12 0.52 8.68 1.59
N1 PSU A 14 -5.33 3.73 8.54
C2 PSU A 14 -4.43 3.02 9.28
N3 PSU A 14 -4.90 1.99 10.05
C4 PSU A 14 -6.23 1.60 10.16
C5 PSU A 14 -7.12 2.39 9.35
C6 PSU A 14 -6.66 3.42 8.58
O2 PSU A 14 -3.24 3.30 9.25
O4 PSU A 14 -6.52 0.65 10.89
C1' PSU A 14 -8.60 2.08 9.35
C2' PSU A 14 -9.34 3.04 10.26
O2' PSU A 14 -10.48 2.40 10.88
C3' PSU A 14 -9.78 4.13 9.32
C4' PSU A 14 -9.97 3.41 7.98
O3' PSU A 14 -11.07 4.62 9.74
O4' PSU A 14 -9.14 2.25 8.04
C5' PSU A 14 -9.59 4.33 6.81
O5' PSU A 14 -8.59 5.27 7.18
P PSU A 14 -8.51 6.72 6.47
OP1 PSU A 14 -9.90 7.22 6.32
OP2 PSU A 14 -7.50 7.52 7.18
HN1 PSU A 14 -4.99 4.50 7.96
HN3 PSU A 14 -4.23 1.48 10.59
H6 PSU A 14 -7.37 4.00 7.98
H1' PSU A 14 -8.75 1.06 9.68
H2' PSU A 14 -8.67 3.44 11.02
HO2' PSU A 14 -10.67 1.62 10.36
H3' PSU A 14 -9.04 4.93 9.25
H4' PSU A 14 -11.02 3.12 7.88
H5' PSU A 14 -9.21 3.70 5.99
H5'' PSU A 14 -10.47 4.86 6.47
N1 PSU A 6 2.51 -7.23 -2.19
C2 PSU A 6 3.70 -7.31 -1.52
N3 PSU A 6 4.45 -6.17 -1.40
C4 PSU A 6 4.12 -4.92 -1.90
C5 PSU A 6 2.86 -4.92 -2.59
C6 PSU A 6 2.10 -6.04 -2.72
O2 PSU A 6 4.08 -8.38 -1.04
O4 PSU A 6 4.89 -3.98 -1.72
C1' PSU A 6 2.38 -3.63 -3.22
C2' PSU A 6 3.00 -3.47 -4.61
O2' PSU A 6 3.35 -2.10 -4.88
C3' PSU A 6 1.90 -3.94 -5.55
C4' PSU A 6 0.62 -3.58 -4.79
O3' PSU A 6 1.95 -3.17 -6.74
O4' PSU A 6 0.96 -3.66 -3.40
C5' PSU A 6 -0.52 -4.52 -5.16
O5' PSU A 6 -1.50 -4.60 -4.12
P PSU A 6 -2.81 -5.51 -4.30
OP1 PSU A 6 -3.53 -5.05 -5.50
OP2 PSU A 6 -2.40 -6.93 -4.19
HN1 PSU A 6 1.95 -8.07 -2.28
HN3 PSU A 6 5.33 -6.25 -0.90
H6 PSU A 6 1.16 -5.98 -3.25
H1' PSU A 6 2.66 -2.79 -2.60
H2' PSU A 6 3.87 -4.12 -4.71
HO2' PSU A 6 3.90 -2.10 -5.66
H3' PSU A 6 1.96 -5.01 -5.73
H4' PSU A 6 0.35 -2.55 -5.03
H5' PSU A 6 -1.00 -4.16 -6.06
H5'' PSU A 6 -0.12 -5.52 -5.33
N1 PSU A 7 6.19 -6.33 -6.14
C2 PSU A 7 7.26 -7.04 -5.65
N3 PSU A 7 8.32 -6.33 -5.13
C4 PSU A 7 8.42 -4.96 -5.05
C5 PSU A 7 7.26 -4.28 -5.58
C6 PSU A 7 6.20 -4.96 -6.10
O2 PSU A 7 7.26 -8.27 -5.68
O4 PSU A 7 9.43 -4.46 -4.57
C1' PSU A 7 7.22 -2.77 -5.56
C2' PSU A 7 7.95 -2.20 -6.78
O2' PSU A 7 9.30 -1.84 -6.46
C3' PSU A 7 7.11 -0.98 -7.13
C4' PSU A 7 5.71 -1.39 -6.72
O3' PSU A 7 7.53 0.10 -6.29
O4' PSU A 7 5.86 -2.30 -5.63
C5' PSU A 7 4.96 -2.04 -7.88
O5' PSU A 7 4.35 -3.27 -7.48
P PSU A 7 2.86 -3.64 -7.98
OP1 PSU A 7 2.54 -2.80 -9.15
OP2 PSU A 7 2.77 -5.11 -8.10
HN1 PSU A 7 5.41 -6.85 -6.51
HN3 PSU A 7 9.09 -6.88 -4.78
H6 PSU A 7 5.34 -4.41 -6.49
H1' PSU A 7 7.69 -2.41 -4.65
H2' PSU A 7 7.92 -2.92 -7.61
HO2' PSU A 7 9.87 -2.45 -6.93
H3' PSU A 7 7.17 -0.73 -8.19
H4' PSU A 7 5.16 -0.51 -6.37
H5' PSU A 7 4.18 -1.35 -8.23
H5'' PSU A 7 5.66 -2.22 -8.69
N1 PSU A 12 1.58 3.36 3.67
C2 PSU A 12 1.06 2.12 3.88
N3 PSU A 12 -0.10 1.78 3.23
C4 PSU A 12 -0.81 2.59 2.34
C5 PSU A 12 -0.19 3.89 2.17
C6 PSU A 12 0.95 4.23 2.82
O2 PSU A 12 1.61 1.33 4.64
O4 PSU A 12 -1.83 2.16 1.82
C1' PSU A 12 -0.84 4.88 1.24
C2' PSU A 12 -2.01 5.58 1.93
O2' PSU A 12 -3.09 5.79 1.02
C3' PSU A 12 -1.41 6.90 2.38
C4' PSU A 12 -0.34 7.18 1.34
O3' PSU A 12 -2.41 7.90 2.29
O4' PSU A 12 0.10 5.91 0.87
C5' PSU A 12 0.81 7.98 1.92
O5' PSU A 12 1.68 7.16 2.70
P PSU A 12 2.98 7.80 3.43
OP1 PSU A 12 2.74 9.24 3.62
OP2 PSU A 12 3.33 6.95 4.58
HN1 PSU A 12 2.43 3.62 4.15
HN3 PSU A 12 -0.47 0.86 3.39
H6 PSU A 12 1.38 5.23 2.66
H1' PSU A 12 -1.19 4.37 0.35
H2' PSU A 12 -2.34 5.00 2.79
HO2' PSU A 12 -3.07 5.08 0.37
H3' PSU A 12 -0.99 6.83 3.39
H4' PSU A 12 -0.79 7.73 0.51
H5' PSU A 12 1.38 8.44 1.11
H5'' PSU A 12 0.41 8.78 2.56
N1 PSU A 14 -5.56 3.28 8.57
C2 PSU A 14 -4.77 2.50 9.36
N3 PSU A 14 -5.35 1.47 10.05
C4 PSU A 14 -6.69 1.13 10.01
C5 PSU A 14 -7.47 1.98 9.16
C6 PSU A 14 -6.90 3.02 8.47
O2 PSU A 14 -3.56 2.72 9.46
O4 PSU A 14 -7.10 0.17 10.68
C1' PSU A 14 -8.95 1.75 9.03
C2' PSU A 14 -9.73 2.66 9.97
O2' PSU A 14 -10.93 2.02 10.43
C3' PSU A 14 -10.04 3.85 9.09
C4' PSU A 14 -10.21 3.24 7.70
O3' PSU A 14 -11.30 4.39 9.49
O4' PSU A 14 -9.40 2.05 7.70
C5' PSU A 14 -9.76 4.22 6.62
O5' PSU A 14 -8.62 4.98 7.03
P PSU A 14 -8.26 6.37 6.31
OP1 PSU A 14 -9.50 7.13 6.12
OP2 PSU A 14 -7.12 6.98 7.03
HN1 PSU A 14 -5.14 4.04 8.07
HN3 PSU A 14 -4.75 0.91 10.64
H6 PSU A 14 -7.53 3.64 7.83
H1' PSU A 14 -9.17 0.70 9.26
H2' PSU A 14 -9.09 2.96 10.80
HO2' PSU A 14 -11.67 2.56 10.13
H3' PSU A 14 -9.24 4.59 9.12
H4' PSU A 14 -11.25 2.97 7.54
H5' PSU A 14 -9.50 3.66 5.72
H5'' PSU A 14 -10.57 4.90 6.40
N1 PSU A 6 2.64 -7.26 -2.36
C2 PSU A 6 3.82 -7.23 -1.68
N3 PSU A 6 4.51 -6.05 -1.66
C4 PSU A 6 4.13 -4.86 -2.27
C5 PSU A 6 2.88 -4.98 -2.98
C6 PSU A 6 2.17 -6.15 -3.00
O2 PSU A 6 4.25 -8.22 -1.10
O4 PSU A 6 4.84 -3.87 -2.18
C1' PSU A 6 2.34 -3.79 -3.73
C2' PSU A 6 3.04 -3.66 -5.09
O2' PSU A 6 3.58 -2.34 -5.27
C3' PSU A 6 1.96 -3.96 -6.11
C4' PSU A 6 0.67 -3.66 -5.36
O3' PSU A 6 2.08 -3.03 -7.19
O4' PSU A 6 0.94 -3.95 -3.99
C5' PSU A 6 -0.48 -4.51 -5.89
O5' PSU A 6 -1.57 -4.56 -4.96
P PSU A 6 -2.09 -5.98 -4.38
OP1 PSU A 6 -2.84 -6.66 -5.44
OP2 PSU A 6 -0.95 -6.65 -3.73
HN1 PSU A 6 2.12 -8.13 -2.38
HN3 PSU A 6 5.39 -6.03 -1.15
H6 PSU A 6 1.22 -6.19 -3.53
H1' PSU A 6 2.50 -2.89 -3.14
H2' PSU A 6 3.84 -4.41 -5.16
HO2' PSU A 6 4.53 -2.43 -5.36
H3' PSU A 6 1.99 -4.99 -6.45
H4' PSU A 6 0.41 -2.60 -5.47
H5' PSU A 6 -0.84 -4.10 -6.83
H5'' PSU A 6 -0.12 -5.53 -6.07
N1 PSU A 7 6.54 -6.19 -5.36
C2 PSU A 7 7.50 -6.59 -4.47
N3 PSU A 7 8.34 -5.64 -3.94
C4 PSU A 7 8.30 -4.27 -4.22
C5 PSU A 7 7.27 -3.92 -5.16
C6 PSU A 7 6.43 -4.86 -5.70
O2 PSU A 7 7.61 -7.77 -4.15
O4 PSU A 7 9.11 -3.53 -3.68
C1' PSU A 7 7.12 -2.49 -5.59
C2' PSU A 7 8.03 -2.19 -6.79
O2' PSU A 7 9.16 -1.41 -6.39
C3' PSU A 7 7.14 -1.41 -7.76
C4' PSU A 7 5.80 -1.26 -7.05
O3' PSU A 7 7.71 -0.11 -7.96
O4' PSU A 7 5.79 -2.23 -6.01
C5' PSU A 7 4.64 -1.50 -8.02
O5' PSU A 7 4.38 -2.89 -8.19
P PSU A 7 2.89 -3.42 -8.52
OP1 PSU A 7 2.36 -2.62 -9.64
OP2 PSU A 7 2.94 -4.90 -8.62
HN1 PSU A 7 5.93 -6.88 -5.75
HN3 PSU A 7 9.04 -5.95 -3.29
H6 PSU A 7 5.66 -4.56 -6.41
H1' PSU A 7 7.38 -1.83 -4.76
H2' PSU A 7 8.35 -3.13 -7.25
HO2' PSU A 7 9.75 -1.99 -5.88
H3' PSU A 7 7.03 -1.95 -8.71
H4' PSU A 7 5.72 -0.26 -6.63
H5' PSU A 7 3.75 -1.01 -7.62
H5'' PSU A 7 4.89 -1.06 -8.99
N1 PSU A 12 1.38 3.38 3.49
C2 PSU A 12 1.02 2.11 3.85
N3 PSU A 12 -0.11 1.57 3.29
C4 PSU A 12 -0.95 2.20 2.38
C5 PSU A 12 -0.52 3.54 2.05
C6 PSU A 12 0.61 4.08 2.59
O2 PSU A 12 1.70 1.46 4.64
O4 PSU A 12 -1.94 1.60 1.95
C1' PSU A 12 -1.32 4.34 1.06
C2' PSU A 12 -2.31 5.25 1.79
O2' PSU A 12 -3.56 5.32 1.10
C3' PSU A 12 -1.58 6.59 1.78
C4' PSU A 12 -0.80 6.55 0.48
O3' PSU A 12 -2.56 7.63 1.68
O4' PSU A 12 -0.46 5.19 0.28
C5' PSU A 12 0.46 7.44 0.58
O5' PSU A 12 1.18 7.18 1.78
P PSU A 12 2.09 8.34 2.44
OP1 PSU A 12 1.52 9.65 2.05
OP2 PSU A 12 2.30 8.01 3.87
HN1 PSU A 12 2.21 3.78 3.89
HN3 PSU A 12 -0.36 0.63 3.57
H6 PSU A 12 0.90 5.08 2.31
H1' PSU A 12 -1.87 3.66 0.41
H2' PSU A 12 -2.44 4.91 2.81
HO2' PSU A 12 -3.99 4.48 1.22
H3' PSU A 12 -0.94 6.72 2.65
H4' PSU A 12 -1.42 6.90 -0.33
H5' PSU A 12 1.10 7.22 -0.28
H5'' PSU A 12 0.16 8.48 0.55
N1 PSU A 14 -5.11 3.69 8.68
C2 PSU A 14 -4.30 2.90 9.43
N3 PSU A 14 -4.86 1.85 10.10
C4 PSU A 14 -6.20 1.50 10.09
C5 PSU A 14 -7.00 2.38 9.29
C6 PSU A 14 -6.45 3.43 8.61
O2 PSU A 14 -3.08 3.12 9.50
O4 PSU A 14 -6.58 0.52 10.74
C1' PSU A 14 -8.48 2.12 9.18
C2' PSU A 14 -9.25 3.05 10.13
O2' PSU A 14 -10.42 2.41 10.65
C3' PSU A 14 -9.60 4.22 9.23
C4' PSU A 14 -9.80 3.56 7.87
O3' PSU A 14 -10.86 4.75 9.66
O4' PSU A 14 -8.96 2.41 7.85
C5' PSU A 14 -9.44 4.53 6.74
O5' PSU A 14 -8.25 5.27 7.04
P PSU A 14 -7.95 6.66 6.28
OP1 PSU A 14 -9.23 7.37 6.08
OP2 PSU A 14 -6.83 7.33 6.99
HN1 PSU A 14 -4.71 4.47 8.19
HN3 PSU A 14 -4.23 1.28 10.65
H6 PSU A 14 -7.10 4.08 8.01
H1' PSU A 14 -8.69 1.09 9.44
H2' PSU A 14 -8.59 3.38 10.94
HO2' PSU A 14 -10.20 2.09 11.53
H3' PSU A 14 -8.81 4.97 9.20
H4' PSU A 14 -10.84 3.26 7.76
H5' PSU A 14 -9.27 3.95 5.83
H5'' PSU A 14 -10.26 5.22 6.58
N1 PSU A 6 2.28 -7.08 -2.51
C2 PSU A 6 3.50 -7.12 -1.89
N3 PSU A 6 4.24 -5.97 -1.83
C4 PSU A 6 3.85 -4.73 -2.33
C5 PSU A 6 2.57 -4.75 -2.97
C6 PSU A 6 1.82 -5.90 -3.04
O2 PSU A 6 3.93 -8.16 -1.41
O4 PSU A 6 4.61 -3.77 -2.21
C1' PSU A 6 2.01 -3.50 -3.57
C2' PSU A 6 2.55 -3.30 -4.99
O2' PSU A 6 2.97 -1.95 -5.21
C3' PSU A 6 1.36 -3.67 -5.87
C4' PSU A 6 0.16 -3.33 -5.00
O3' PSU A 6 1.36 -2.79 -7.00
O4' PSU A 6 0.58 -3.56 -3.66
C5' PSU A 6 -1.05 -4.18 -5.36
O5' PSU A 6 -1.93 -4.35 -4.25
P PSU A 6 -3.08 -5.47 -4.29
OP1 PSU A 6 -4.01 -5.13 -5.39
OP2 PSU A 6 -2.43 -6.81 -4.26
HN1 PSU A 6 1.74 -7.92 -2.56
HN3 PSU A 6 5.14 -6.01 -1.37
H6 PSU A 6 0.85 -5.87 -3.53
H1' PSU A 6 2.31 -2.63 -2.95
H2' PSU A 6 3.37 -4.00 -5.18
HO2' PSU A 6 3.20 -1.57 -4.36
H3' PSU A 6 1.38 -4.72 -6.16
H4' PSU A 6 -0.08 -2.27 -5.13
H5' PSU A 6 -1.60 -3.70 -6.17
H5'' PSU A 6 -0.71 -5.16 -5.70
N1 PSU A 7 6.03 -5.62 -8.33
C2 PSU A 7 7.29 -6.00 -8.68
N3 PSU A 7 8.35 -5.32 -8.13
C4 PSU A 7 8.25 -4.27 -7.22
C5 PSU A 7 6.88 -3.93 -6.89
C6 PSU A 7 5.83 -4.60 -7.45
O2 PSU A 7 7.49 -6.91 -9.48
O4 PSU A 7 9.28 -3.75 -6.79
C1' PSU A 7 6.62 -2.82 -5.91
C2' PSU A 7 7.36 -1.55 -6.31
O2' PSU A 7 7.84 -0.85 -5.16
C3' PSU A 7 6.31 -0.73 -7.06
C4' PSU A 7 4.98 -1.46 -6.85
O3' PSU A 7 6.21 0.55 -6.44
O4' PSU A 7 5.24 -2.48 -5.89
C5' PSU A 7 4.47 -2.06 -8.16
O5' PSU A 7 3.66 -3.21 -7.93
P PSU A 7 2.11 -3.23 -8.36
OP1 PSU A 7 1.91 -2.16 -9.36
OP2 PSU A 7 1.74 -4.62 -8.68
HN1 PSU A 7 5.25 -6.12 -8.74
HN3 PSU A 7 9.27 -5.60 -8.39
H6 PSU A 7 4.80 -4.31 -7.17
H1' PSU A 7 6.93 -3.13 -4.92
H2' PSU A 7 8.19 -1.80 -6.98
HO2' PSU A 7 7.08 -0.39 -4.77
H3' PSU A 7 6.55 -0.64 -8.12
H4' PSU A 7 4.25 -0.76 -6.45
H5' PSU A 7 3.88 -1.30 -8.68
H5'' PSU A 7 5.32 -2.33 -8.78
N1 PSU A 12 1.53 3.34 3.60
C2 PSU A 12 1.07 2.09 3.92
N3 PSU A 12 -0.03 1.62 3.25
C4 PSU A 12 -0.74 2.32 2.27
C5 PSU A 12 -0.20 3.61 2.00
C6 PSU A 12 0.91 4.10 2.66
O2 PSU A 12 1.63 1.40 4.77
O4 PSU A 12 -1.72 1.78 1.75
C1' PSU A 12 -0.85 4.48 0.96
C2' PSU A 12 -2.02 5.25 1.56
O2' PSU A 12 -3.07 5.45 0.60
C3' PSU A 12 -1.37 6.56 1.97
C4' PSU A 12 -0.31 6.77 0.89
O3' PSU A 12 -2.36 7.60 1.84
O4' PSU A 12 0.07 5.47 0.46
C5' PSU A 12 0.88 7.53 1.46
O5' PSU A 12 1.56 6.77 2.47
P PSU A 12 2.82 7.40 3.26
OP1 PSU A 12 2.59 8.85 3.41
OP2 PSU A 12 3.10 6.55 4.44
HN1 PSU A 12 2.34 3.68 4.11
HN3 PSU A 12 -0.36 0.70 3.49
H6 PSU A 12 1.29 5.09 2.43
H1' PSU A 12 -1.20 3.86 0.14
H2' PSU A 12 -2.40 4.73 2.44
HO2' PSU A 12 -2.64 5.58 -0.25
H3' PSU A 12 -0.95 6.52 2.97
H4' PSU A 12 -0.74 7.33 0.07
H5' PSU A 12 1.58 7.75 0.66
H5'' PSU A 12 0.54 8.46 1.91
N1 PSU A 14 -5.34 3.56 8.47
C2 PSU A 14 -4.48 2.81 9.23
N3 PSU A 14 -4.98 1.69 9.85
C4 PSU A 14 -6.30 1.24 9.78
C5 PSU A 14 -7.14 2.08 8.97
C6 PSU A 14 -6.66 3.19 8.34
O2 PSU A 14 -3.31 3.13 9.35
O4 PSU A 14 -6.61 0.22 10.39
C1' PSU A 14 -8.59 1.72 8.79
C2' PSU A 14 -9.46 2.59 9.70
O2' PSU A 14 -10.61 1.88 10.16
C3' PSU A 14 -9.84 3.73 8.77
C4' PSU A 14 -9.91 3.07 7.40
O3' PSU A 14 -11.15 4.18 9.13
O4' PSU A 14 -9.02 1.95 7.45
C5' PSU A 14 -9.52 4.04 6.31
O5' PSU A 14 -8.40 4.86 6.70
P PSU A 14 -8.21 6.33 6.08
OP1 PSU A 14 -9.54 6.94 5.91
OP2 PSU A 14 -7.17 7.04 6.87
HN1 PSU A 14 -4.98 4.38 8.02
HN3 PSU A 14 -4.34 1.15 10.40
H6 PSU A 14 -7.33 3.80 7.73
H1' PSU A 14 -8.73 0.66 9.06
H2' PSU A 14 -8.87 2.97 10.54
HO2' PSU A 14 -10.49 1.73 11.10
H3' PSU A 14 -9.11 4.53 8.80
H4' PSU A 14 -10.93 2.71 7.23
H5' PSU A 14 -9.25 3.49 5.41
H5'' PSU A 14 -10.37 4.70 6.08
N1 PSU A 6 3.03 -7.53 -1.52
C2 PSU A 6 4.27 -7.42 -0.97
N3 PSU A 6 4.95 -6.24 -1.13
C4 PSU A 6 4.48 -5.12 -1.80
C5 PSU A 6 3.16 -5.31 -2.36
C6 PSU A 6 2.49 -6.47 -2.21
O2 PSU A 6 4.77 -8.36 -0.35
O4 PSU A 6 5.19 -4.12 -1.87
C1' PSU A 6 2.54 -4.20 -3.16
C2' PSU A 6 3.16 -4.16 -4.56
O2' PSU A 6 3.56 -2.83 -4.93
C3' PSU A 6 2.04 -4.68 -5.47
C4' PSU A 6 0.77 -4.37 -4.70
O3' PSU A 6 2.05 -3.89 -6.67
O4' PSU A 6 1.13 -4.42 -3.32
C5' PSU A 6 -0.31 -5.38 -5.03
O5' PSU A 6 -1.62 -4.90 -4.69
P PSU A 6 -2.86 -5.91 -4.60
OP1 PSU A 6 -3.64 -5.80 -5.85
OP2 PSU A 6 -2.36 -7.23 -4.17
HN1 PSU A 6 2.52 -8.39 -1.40
HN3 PSU A 6 5.86 -6.18 -0.72
H6 PSU A 6 1.49 -6.56 -2.63
H1' PSU A 6 2.71 -3.25 -2.66
H2' PSU A 6 4.00 -4.84 -4.62
HO2' PSU A 6 3.04 -2.59 -5.70
H3' PSU A 6 2.14 -5.74 -5.68
H4' PSU A 6 0.43 -3.36 -4.94
H5' PSU A 6 -0.29 -5.59 -6.10
H5'' PSU A 6 -0.13 -6.30 -4.49
N1 PSU A 7 7.57 -6.54 -4.55
C2 PSU A 7 8.71 -6.73 -3.83
N3 PSU A 7 9.39 -5.63 -3.37
C4 PSU A 7 9.01 -4.31 -3.57
C5 PSU A 7 7.79 -4.18 -4.33
C6 PSU A 7 7.12 -5.28 -4.80
O2 PSU A 7 9.14 -7.86 -3.60
O4 PSU A 7 9.70 -3.40 -3.10
C1' PSU A 7 7.26 -2.81 -4.65
C2' PSU A 7 8.04 -2.19 -5.81
O2' PSU A 7 9.06 -1.31 -5.34
C3' PSU A 7 6.97 -1.44 -6.57
C4' PSU A 7 5.71 -2.25 -6.33
O3' PSU A 7 6.79 -0.16 -5.96
O4' PSU A 7 5.89 -2.88 -5.06
C5' PSU A 7 5.51 -3.28 -7.44
O5' PSU A 7 4.49 -4.24 -7.09
P PSU A 7 3.07 -4.23 -7.85
OP1 PSU A 7 3.06 -3.10 -8.81
OP2 PSU A 7 2.80 -5.61 -8.33
HN1 PSU A 7 7.08 -7.36 -4.89
HN3 PSU A 7 10.23 -5.79 -2.83
H6 PSU A 7 6.20 -5.14 -5.38
H1' PSU A 7 7.36 -2.18 -3.77
H2' PSU A 7 8.47 -2.98 -6.44
HO2' PSU A 7 9.49 -0.93 -6.11
H3' PSU A 7 7.21 -1.35 -7.63
H4' PSU A 7 4.85 -1.58 -6.28
H5' PSU A 7 5.21 -2.77 -8.35
H5'' PSU A 7 6.45 -3.81 -7.60
N1 PSU A 12 0.91 3.01 3.24
C2 PSU A 12 0.34 1.79 3.45
N3 PSU A 12 -0.86 1.51 2.85
C4 PSU A 12 -1.57 2.37 2.02
C5 PSU A 12 -0.91 3.64 1.84
C6 PSU A 12 0.28 3.93 2.44
O2 PSU A 12 0.89 0.95 4.16
O4 PSU A 12 -2.64 2.01 1.53
C1' PSU A 12 -1.55 4.69 0.97
C2' PSU A 12 -2.67 5.41 1.72
O2' PSU A 12 -3.78 5.68 0.87
C3' PSU A 12 -1.98 6.70 2.17
C4' PSU A 12 -0.95 6.96 1.08
O3' PSU A 12 -2.95 7.76 2.11
O4' PSU A 12 -0.59 5.68 0.57
C5' PSU A 12 0.27 7.70 1.63
O5' PSU A 12 1.01 6.87 2.54
P PSU A 12 2.22 7.51 3.41
OP1 PSU A 12 1.88 8.92 3.70
OP2 PSU A 12 2.51 6.59 4.52
HN1 PSU A 12 1.79 3.21 3.68
HN3 PSU A 12 -1.26 0.60 3.02
H6 PSU A 12 0.75 4.90 2.28
H1' PSU A 12 -1.97 4.21 0.08
H2' PSU A 12 -2.97 4.84 2.59
HO2' PSU A 12 -3.60 6.50 0.40
H3' PSU A 12 -1.53 6.61 3.15
H4' PSU A 12 -1.40 7.55 0.28
H5' PSU A 12 0.91 8.00 0.81
H5'' PSU A 12 -0.08 8.59 2.17
N1 PSU A 14 -5.23 3.43 8.47
C2 PSU A 14 -4.35 2.58 9.06
N3 PSU A 14 -4.85 1.54 9.81
C4 PSU A 14 -6.19 1.27 10.02
C5 PSU A 14 -7.07 2.21 9.37
C6 PSU A 14 -6.58 3.24 8.62
O2 PSU A 14 -3.14 2.74 8.94
O4 PSU A 14 -6.51 0.30 10.71
C1' PSU A 14 -8.56 2.04 9.49
C2' PSU A 14 -9.13 3.08 10.47
O2' PSU A 14 -10.20 2.53 11.23
C3' PSU A 14 -9.61 4.18 9.53
C4' PSU A 14 -10.01 3.44 8.28
O3' PSU A 14 -10.78 4.76 10.10
O4' PSU A 14 -9.21 2.25 8.23
C5' PSU A 14 -9.79 4.30 7.03
O5' PSU A 14 -8.63 5.13 7.16
P PSU A 14 -8.57 6.56 6.43
OP1 PSU A 14 -9.94 7.10 6.35
OP2 PSU A 14 -7.50 7.36 7.08
HN1 PSU A 14 -4.87 4.20 7.92
HN3 PSU A 14 -4.18 0.92 10.24
H6 PSU A 14 -7.27 3.93 8.14
H1' PSU A 14 -8.78 1.04 9.85
H2' PSU A 14 -8.33 3.45 11.12
HO2' PSU A 14 -9.81 2.05 11.96
H3' PSU A 14 -8.83 4.92 9.34
H4' PSU A 14 -11.06 3.14 8.34
H5' PSU A 14 -9.66 3.65 6.16
H5'' PSU A 14 -10.66 4.93 6.88
N1 PSU A 6 2.56 -7.60 -2.42
C2 PSU A 6 3.76 -7.74 -1.80
N3 PSU A 6 4.56 -6.65 -1.67
C4 PSU A 6 4.27 -5.37 -2.13
C5 PSU A 6 2.99 -5.28 -2.78
C6 PSU A 6 2.18 -6.37 -2.90
O2 PSU A 6 4.10 -8.84 -1.35
O4 PSU A 6 5.09 -4.47 -1.96
C1' PSU A 6 2.53 -3.97 -3.34
C2' PSU A 6 3.16 -3.74 -4.73
O2' PSU A 6 3.68 -2.41 -4.84
C3' PSU A 6 1.99 -3.95 -5.68
C4' PSU A 6 0.77 -3.57 -4.83
O3' PSU A 6 2.09 -3.01 -6.75
O4' PSU A 6 1.11 -3.95 -3.50
C5' PSU A 6 -0.49 -4.28 -5.31
O5' PSU A 6 -1.18 -4.93 -4.24
P PSU A 6 -2.36 -5.98 -4.54
OP1 PSU A 6 -3.09 -5.52 -5.75
OP2 PSU A 6 -1.77 -7.34 -4.50
HN1 PSU A 6 1.95 -8.40 -2.51
HN3 PSU A 6 5.45 -6.78 -1.21
H6 PSU A 6 1.22 -6.27 -3.41
H1' PSU A 6 2.84 -3.16 -2.67
H2' PSU A 6 3.92 -4.49 -4.91
HO2' PSU A 6 3.27 -2.00 -5.61
H3' PSU A 6 1.93 -4.97 -6.03
H4' PSU A 6 0.63 -2.49 -4.88
H5' PSU A 6 -1.15 -3.54 -5.77
H5'' PSU A 6 -0.22 -5.03 -6.07
N1 PSU A 7 5.84 -6.09 -7.75
C2 PSU A 7 6.88 -6.86 -8.21
N3 PSU A 7 8.15 -6.37 -8.07
C4 PSU A 7 8.50 -5.16 -7.50
C5 PSU A 7 7.36 -4.40 -7.04
C6 PSU A 7 6.08 -4.88 -7.18
O2 PSU A 7 6.67 -7.95 -8.73
O4 PSU A 7 9.69 -4.84 -7.43
C1' PSU A 7 7.58 -3.06 -6.39
C2' PSU A 7 8.38 -2.15 -7.30
O2' PSU A 7 9.23 -1.26 -6.55
C3' PSU A 7 7.30 -1.39 -8.07
C4' PSU A 7 6.11 -1.37 -7.11
O3' PSU A 7 7.75 -0.04 -8.30
O4' PSU A 7 6.34 -2.40 -6.14
C5' PSU A 7 4.80 -1.61 -7.85
O5' PSU A 7 4.39 -2.99 -7.77
P PSU A 7 2.87 -3.41 -8.10
OP1 PSU A 7 2.39 -2.54 -9.19
OP2 PSU A 7 2.82 -4.88 -8.24
HN1 PSU A 7 4.91 -6.45 -7.86
HN3 PSU A 7 8.90 -6.96 -8.41
H6 PSU A 7 5.24 -4.28 -6.82
H1' PSU A 7 8.13 -3.20 -5.46
H2' PSU A 7 8.98 -2.74 -8.00
HO2' PSU A 7 9.32 -1.63 -5.67
H3' PSU A 7 7.06 -1.89 -8.99
H4' PSU A 7 6.05 -0.41 -6.59
H5' PSU A 7 4.02 -0.99 -7.43
H5'' PSU A 7 4.94 -1.35 -8.90
N1 PSU A 12 1.40 3.06 3.49
C2 PSU A 12 0.90 1.85 3.89
N3 PSU A 12 -0.28 1.43 3.32
C4 PSU A 12 -1.01 2.11 2.36
C5 PSU A 12 -0.42 3.37 1.99
C6 PSU A 12 0.76 3.81 2.55
O2 PSU A 12 1.48 1.17 4.73
O4 PSU A 12 -2.05 1.61 1.93
C1' PSU A 12 -1.10 4.23 0.96
C2' PSU A 12 -2.17 5.11 1.61
O2' PSU A 12 -3.35 5.17 0.79
C3' PSU A 12 -1.49 6.47 1.72
C4' PSU A 12 -0.55 6.48 0.54
O3' PSU A 12 -2.48 7.47 1.52
O4' PSU A 12 -0.15 5.12 0.34
C5' PSU A 12 0.66 7.38 0.81
O5' PSU A 12 1.19 7.16 2.11
P PSU A 12 2.57 7.87 2.57
OP1 PSU A 12 2.35 9.33 2.58
OP2 PSU A 12 3.06 7.19 3.78
HN1 PSU A 12 2.26 3.37 3.91
HN3 PSU A 12 -0.63 0.54 3.62
H6 PSU A 12 1.17 4.76 2.25
H1' PSU A 12 -1.55 3.60 0.20
H2' PSU A 12 -2.41 4.72 2.61
HO2' PSU A 12 -3.14 4.73 -0.04
H3' PSU A 12 -0.97 6.58 2.67
H4' PSU A 12 -1.07 6.83 -0.35
H5' PSU A 12 1.43 7.18 0.07
H5'' PSU A 12 0.35 8.42 0.73
N1 PSU A 14 -5.23 3.66 8.62
C2 PSU A 14 -4.38 2.91 9.37
N3 PSU A 14 -4.91 1.88 10.10
C4 PSU A 14 -6.26 1.52 10.16
C5 PSU A 14 -7.08 2.36 9.34
C6 PSU A 14 -6.57 3.39 8.60
O2 PSU A 14 -3.17 3.14 9.39
O4 PSU A 14 -6.60 0.57 10.86
C1' PSU A 14 -8.57 2.11 9.30
C2' PSU A 14 -9.30 3.07 10.25
O2' PSU A 14 -10.47 2.47 10.80
C3' PSU A 14 -9.65 4.22 9.33
C4' PSU A 14 -9.87 3.56 7.99
O3' PSU A 14 -10.88 4.80 9.77
O4' PSU A 14 -9.10 2.36 7.99
C5' PSU A 14 -9.45 4.49 6.83
O5' PSU A 14 -8.34 5.30 7.20
P PSU A 14 -8.11 6.74 6.49
OP1 PSU A 14 -9.42 7.42 6.39
OP2 PSU A 14 -6.98 7.41 7.16
HN1 PSU A 14 -4.83 4.42 8.07
HN3 PSU A 14 -4.27 1.33 10.65
H6 PSU A 14 -7.24 4.01 8.00
H1' PSU A 14 -8.77 1.08 9.60
H2' PSU A 14 -8.61 3.40 11.04
HO2' PSU A 14 -10.98 2.10 10.07
H3' PSU A 14 -8.85 4.96 9.29
H4' PSU A 14 -10.93 3.31 7.87
H5' PSU A 14 -9.17 3.87 5.98
H5'' PSU A 14 -10.29 5.12 6.57
N1 PSU A 6 2.34 -7.09 -1.55
C2 PSU A 6 3.51 -7.01 -0.85
N3 PSU A 6 4.28 -5.89 -1.02
C4 PSU A 6 3.99 -4.81 -1.85
C5 PSU A 6 2.73 -4.97 -2.56
C6 PSU A 6 1.96 -6.08 -2.39
O2 PSU A 6 3.86 -7.90 -0.09
O4 PSU A 6 4.77 -3.87 -1.92
C1' PSU A 6 2.30 -3.90 -3.52
C2' PSU A 6 3.00 -4.09 -4.86
O2' PSU A 6 3.49 -2.84 -5.37
C3' PSU A 6 1.92 -4.66 -5.76
C4' PSU A 6 0.63 -4.15 -5.16
O3' PSU A 6 2.08 -4.07 -7.07
O4' PSU A 6 0.89 -4.00 -3.76
C5' PSU A 6 -0.51 -5.14 -5.40
O5' PSU A 6 -1.68 -4.81 -4.66
P PSU A 6 -3.10 -5.50 -5.00
OP1 PSU A 6 -3.74 -4.71 -6.09
OP2 PSU A 6 -2.87 -6.95 -5.19
HN1 PSU A 6 1.77 -7.91 -1.42
HN3 PSU A 6 5.15 -5.84 -0.50
H6 PSU A 6 1.01 -6.15 -2.93
H1' PSU A 6 2.54 -2.93 -3.11
H2' PSU A 6 3.82 -4.81 -4.75
HO2' PSU A 6 2.80 -2.45 -5.89
H3' PSU A 6 1.96 -5.75 -5.81
H4' PSU A 6 0.37 -3.19 -5.59
H5' PSU A 6 -0.75 -5.15 -6.47
H5'' PSU A 6 -0.18 -6.14 -5.11
N1 PSU A 7 6.74 -7.24 -6.05
C2 PSU A 7 7.95 -7.88 -6.01
N3 PSU A 7 9.05 -7.16 -5.62
C4 PSU A 7 9.06 -5.82 -5.26
C5 PSU A 7 7.75 -5.21 -5.33
C6 PSU A 7 6.65 -5.92 -5.72
O2 PSU A 7 8.05 -9.07 -6.31
O4 PSU A 7 10.12 -5.30 -4.92
C1' PSU A 7 7.62 -3.75 -4.97
C2' PSU A 7 8.41 -2.87 -5.93
O2' PSU A 7 9.44 -2.16 -5.24
C3' PSU A 7 7.37 -1.92 -6.51
C4' PSU A 7 6.05 -2.60 -6.25
O3' PSU A 7 7.40 -0.70 -5.75
O4' PSU A 7 6.25 -3.35 -5.05
C5' PSU A 7 5.66 -3.52 -7.41
O5' PSU A 7 4.57 -4.38 -7.05
P PSU A 7 3.29 -4.52 -8.02
OP1 PSU A 7 3.41 -3.52 -9.11
OP2 PSU A 7 3.12 -5.95 -8.36
HN1 PSU A 7 5.93 -7.77 -6.35
HN3 PSU A 7 9.93 -7.65 -5.59
H6 PSU A 7 5.68 -5.41 -5.76
H1' PSU A 7 7.97 -3.60 -3.95
H2' PSU A 7 8.84 -3.48 -6.73
HO2' PSU A 7 10.15 -2.78 -5.06
H3' PSU A 7 7.53 -1.73 -7.57
H4' PSU A 7 5.26 -1.86 -6.09
H5' PSU A 7 5.36 -2.90 -8.26
H5'' PSU A 7 6.52 -4.12 -7.69
N1 PSU A 12 1.27 3.65 3.07
C2 PSU A 12 0.82 2.40 3.36
N3 PSU A 12 -0.41 2.02 2.88
C4 PSU A 12 -1.26 2.80 2.11
C5 PSU A 12 -0.72 4.11 1.84
C6 PSU A 12 0.51 4.49 2.31
O2 PSU A 12 1.49 1.62 4.04
O4 PSU A 12 -2.34 2.35 1.75
C1' PSU A 12 -1.53 5.08 1.02
C2' PSU A 12 -2.61 5.74 1.89
O2' PSU A 12 -3.86 5.81 1.20
C3' PSU A 12 -2.05 7.12 2.16
C4' PSU A 12 -1.24 7.41 0.90
O3' PSU A 12 -3.13 8.04 2.22
O4' PSU A 12 -0.70 6.14 0.51
C5' PSU A 12 -0.13 8.43 1.17
O5' PSU A 12 0.74 8.01 2.22
P PSU A 12 2.19 8.68 2.36
OP1 PSU A 12 2.04 10.15 2.34
OP2 PSU A 12 2.89 8.03 3.50
HN1 PSU A 12 2.17 3.92 3.41
HN3 PSU A 12 -0.73 1.09 3.11
H6 PSU A 12 0.87 5.49 2.08
H1' PSU A 12 -1.99 4.56 0.18
H2' PSU A 12 -2.71 5.19 2.82
HO2' PSU A 12 -4.50 5.33 1.72
H3' PSU A 12 -1.43 7.14 3.06
H4' PSU A 12 -1.90 7.77 0.12
H5' PSU A 12 0.45 8.57 0.26
H5'' PSU A 12 -0.60 9.38 1.46
N1 PSU A 14 -5.21 3.64 8.66
C2 PSU A 14 -4.25 2.93 9.31
N3 PSU A 14 -4.64 1.87 10.08
C4 PSU A 14 -5.93 1.42 10.26
C5 PSU A 14 -6.90 2.22 9.54
C6 PSU A 14 -6.53 3.27 8.77
O2 PSU A 14 -3.06 3.25 9.22
O4 PSU A 14 -6.15 0.45 10.99
C1' PSU A 14 -8.36 1.85 9.65
C2' PSU A 14 -9.05 2.69 10.70
O2' PSU A 14 -10.13 1.98 11.32
C3' PSU A 14 -9.55 3.88 9.90
C4' PSU A 14 -9.87 3.28 8.53
O3' PSU A 14 -10.79 4.33 10.48
O4' PSU A 14 -9.03 2.12 8.41
C5' PSU A 14 -9.59 4.28 7.42
O5' PSU A 14 -8.47 5.11 7.71
P PSU A 14 -8.27 6.54 7.00
OP1 PSU A 14 -9.58 7.24 7.01
OP2 PSU A 14 -7.07 7.20 7.56
HN1 PSU A 14 -4.93 4.42 8.09
HN3 PSU A 14 -3.90 1.36 10.57
H6 PSU A 14 -7.29 3.84 8.23
H1' PSU A 14 -8.45 0.80 9.89
H2' PSU A 14 -8.33 3.03 11.45
HO2' PSU A 14 -9.84 1.08 11.45
H3' PSU A 14 -8.81 4.67 9.84
H4' PSU A 14 -10.91 2.98 8.50
H5' PSU A 14 -9.40 3.74 6.49
H5'' PSU A 14 -10.47 4.91 7.29
N1 PSU A 6 2.33 -7.53 -1.98
C2 PSU A 6 3.46 -7.58 -1.19
N3 PSU A 6 4.24 -6.46 -1.13
C4 PSU A 6 4.02 -5.27 -1.81
C5 PSU A 6 2.84 -5.30 -2.62
C6 PSU A 6 2.03 -6.40 -2.68
O2 PSU A 6 3.74 -8.59 -0.56
O4 PSU A 6 4.82 -4.34 -1.68
C1' PSU A 6 2.46 -4.10 -3.44
C2' PSU A 6 3.23 -4.09 -4.76
O2' PSU A 6 3.73 -2.79 -5.08
C3' PSU A 6 2.21 -4.56 -5.77
C4' PSU A 6 0.89 -4.08 -5.18
O3' PSU A 6 2.43 -3.86 -7.00
O4' PSU A 6 1.06 -4.11 -3.77
C5' PSU A 6 -0.26 -4.98 -5.63
O5' PSU A 6 -1.40 -4.86 -4.77
P PSU A 6 -2.71 -5.75 -5.04
OP1 PSU A 6 -3.40 -5.20 -6.24
OP2 PSU A 6 -2.33 -7.17 -5.01
HN1 PSU A 6 1.75 -8.35 -2.02
HN3 PSU A 6 5.07 -6.51 -0.55
H6 PSU A 6 1.14 -6.38 -3.30
H1' PSU A 6 2.70 -3.19 -2.88
H2' PSU A 6 4.05 -4.81 -4.71
HO2' PSU A 6 3.13 -2.40 -5.73
H3' PSU A 6 2.22 -5.63 -5.90
H4' PSU A 6 0.69 -3.06 -5.50
H5' PSU A 6 -0.56 -4.71 -6.64
H5'' PSU A 6 0.08 -6.01 -5.62
N1 PSU A 7 7.44 -5.83 -7.72
C2 PSU A 7 8.76 -6.17 -7.64
N3 PSU A 7 9.59 -5.38 -6.88
C4 PSU A 7 9.20 -4.25 -6.17
C5 PSU A 7 7.80 -3.95 -6.31
C6 PSU A 7 6.97 -4.73 -7.06
O2 PSU A 7 9.20 -7.15 -8.23
O4 PSU A 7 10.05 -3.62 -5.53
C1' PSU A 7 7.23 -2.75 -5.59
C2' PSU A 7 7.82 -1.47 -6.12
O2' PSU A 7 7.86 -0.44 -5.12
C3' PSU A 7 6.87 -1.11 -7.25
C4' PSU A 7 5.52 -1.65 -6.79
O3' PSU A 7 6.77 0.32 -7.34
O4' PSU A 7 5.82 -2.67 -5.81
C5' PSU A 7 4.72 -2.22 -7.95
O5' PSU A 7 4.75 -3.65 -7.95
P PSU A 7 3.38 -4.49 -8.13
OP1 PSU A 7 2.80 -4.16 -9.46
OP2 PSU A 7 3.66 -5.89 -7.77
HN1 PSU A 7 6.84 -6.41 -8.29
HN3 PSU A 7 10.56 -5.64 -6.83
H6 PSU A 7 5.91 -4.47 -7.14
H1' PSU A 7 7.44 -2.84 -4.52
H2' PSU A 7 8.82 -1.65 -6.53
HO2' PSU A 7 8.57 -0.67 -4.51
H3' PSU A 7 7.18 -1.54 -8.20
H4' PSU A 7 4.96 -0.85 -6.30
H5' PSU A 7 3.69 -1.88 -7.86
H5'' PSU A 7 5.14 -1.85 -8.88
N1 PSU A 12 1.49 3.51 3.10
C2 PSU A 12 1.15 2.25 3.54
N3 PSU A 12 -0.03 1.72 3.10
C4 PSU A 12 -0.93 2.33 2.24
C5 PSU A 12 -0.51 3.64 1.82
C6 PSU A 12 0.67 4.19 2.26
O2 PSU A 12 1.89 1.63 4.30
O4 PSU A 12 -1.96 1.73 1.93
C1' PSU A 12 -1.39 4.44 0.90
C2' PSU A 12 -2.46 5.20 1.70
O2' PSU A 12 -3.73 5.16 1.03
C3' PSU A 12 -1.90 6.61 1.74
C4' PSU A 12 -1.12 6.73 0.45
O3' PSU A 12 -3.01 7.53 1.69
O4' PSU A 12 -0.62 5.42 0.18
C5' PSU A 12 0.01 7.75 0.57
O5' PSU A 12 1.01 7.33 1.51
P PSU A 12 2.19 8.33 1.94
OP1 PSU A 12 1.70 9.72 1.79
OP2 PSU A 12 2.73 7.87 3.25
HN1 PSU A 12 2.36 3.90 3.43
HN3 PSU A 12 -0.26 0.80 3.43
H6 PSU A 12 0.95 5.19 1.91
H1' PSU A 12 -1.87 3.76 0.19
H2' PSU A 12 -2.53 4.78 2.71
HO2' PSU A 12 -3.89 4.25 0.76
H3' PSU A 12 -1.27 6.77 2.63
H4' PSU A 12 -1.79 7.03 -0.36
H5' PSU A 12 0.47 7.89 -0.40
H5'' PSU A 12 -0.41 8.70 0.91
N1 PSU A 14 -5.27 3.60 8.87
C2 PSU A 14 -4.36 2.90 9.61
N3 PSU A 14 -4.81 1.88 10.41
C4 PSU A 14 -6.14 1.49 10.55
C5 PSU A 14 -7.04 2.26 9.74
C6 PSU A 14 -6.60 3.29 8.93
O2 PSU A 14 -3.15 3.17 9.55
O4 PSU A 14 -6.42 0.56 11.29
C1' PSU A 14 -8.51 1.96 9.78
C2' PSU A 14 -9.21 2.84 10.83
O2' PSU A 14 -10.28 2.12 11.47
C3' PSU A 14 -9.74 4.00 10.00
C4' PSU A 14 -10.05 3.36 8.66
O3' PSU A 14 -10.96 4.45 10.58
O4' PSU A 14 -9.14 2.25 8.52
C5' PSU A 14 -9.91 4.35 7.51
O5' PSU A 14 -8.65 5.05 7.58
P PSU A 14 -8.51 6.52 6.94
OP1 PSU A 14 -9.85 7.15 6.91
OP2 PSU A 14 -7.39 7.21 7.61
HN1 PSU A 14 -4.93 4.34 8.28
HN3 PSU A 14 -4.13 1.38 10.95
H6 PSU A 14 -7.32 3.84 8.34
H1' PSU A 14 -8.66 0.91 10.02
H2' PSU A 14 -8.49 3.19 11.56
HO2' PSU A 14 -10.64 1.51 10.83
H3' PSU A 14 -9.00 4.79 9.90
H4' PSU A 14 -11.07 2.96 8.67
H5' PSU A 14 -9.96 3.82 6.57
H5'' PSU A 14 -10.72 5.06 7.56
N1 PSU A 6 2.47 -7.15 -2.58
C2 PSU A 6 3.69 -7.12 -1.98
N3 PSU A 6 4.35 -5.92 -1.91
C4 PSU A 6 3.89 -4.71 -2.40
C5 PSU A 6 2.59 -4.81 -3.02
C6 PSU A 6 1.93 -6.01 -3.09
O2 PSU A 6 4.19 -8.14 -1.50
O4 PSU A 6 4.57 -3.70 -2.27
C1' PSU A 6 1.96 -3.58 -3.62
C2' PSU A 6 2.53 -3.32 -5.01
O2' PSU A 6 2.92 -1.95 -5.16
C3' PSU A 6 1.40 -3.67 -5.97
C4' PSU A 6 0.15 -3.51 -5.13
O3' PSU A 6 1.37 -2.71 -7.02
O4' PSU A 6 0.54 -3.77 -3.78
C5' PSU A 6 -0.94 -4.47 -5.58
O5' PSU A 6 -2.03 -4.51 -4.64
P PSU A 6 -2.75 -5.91 -4.29
OP1 PSU A 6 -3.66 -6.26 -5.40
OP2 PSU A 6 -1.71 -6.86 -3.84
HN1 PSU A 6 1.98 -8.03 -2.63
HN3 PSU A 6 5.25 -5.92 -1.46
H6 PSU A 6 0.94 -6.04 -3.58
H1' PSU A 6 2.15 -2.74 -2.98
H2' PSU A 6 3.38 -3.97 -5.19
HO2' PSU A 6 2.17 -1.41 -4.90
H3' PSU A 6 1.50 -4.70 -6.35
H4' PSU A 6 -0.21 -2.49 -5.21
H5' PSU A 6 -1.31 -4.16 -6.55
H5'' PSU A 6 -0.52 -5.48 -5.67
N1 PSU A 7 6.06 -6.36 -6.07
C2 PSU A 7 7.16 -7.06 -5.64
N3 PSU A 7 8.24 -6.34 -5.18
C4 PSU A 7 8.33 -4.96 -5.08
C5 PSU A 7 7.13 -4.29 -5.55
C6 PSU A 7 6.05 -5.00 -6.01
O2 PSU A 7 7.18 -8.29 -5.68
O4 PSU A 7 9.35 -4.45 -4.65
C1' PSU A 7 7.07 -2.80 -5.52
C2' PSU A 7 7.87 -2.19 -6.67
O2' PSU A 7 9.17 -1.76 -6.23
C3' PSU A 7 7.03 -1.02 -7.12
C4' PSU A 7 5.61 -1.44 -6.78
O3' PSU A 7 7.36 0.12 -6.33
O4' PSU A 7 5.72 -2.33 -5.66
C5' PSU A 7 4.92 -2.13 -7.96
O5' PSU A 7 3.82 -2.93 -7.53
P PSU A 7 2.39 -2.80 -8.26
OP1 PSU A 7 2.35 -1.53 -8.99
OP2 PSU A 7 2.11 -4.07 -8.98
HN1 PSU A 7 5.27 -6.89 -6.41
HN3 PSU A 7 9.04 -6.88 -4.87
H6 PSU A 7 5.17 -4.46 -6.36
H1' PSU A 7 7.47 -2.44 -4.57
H2' PSU A 7 7.97 -2.92 -7.48
HO2' PSU A 7 9.19 -1.85 -5.27
H3' PSU A 7 7.14 -0.84 -8.20
H4' PSU A 7 5.03 -0.57 -6.48
H5' PSU A 7 4.58 -1.37 -8.66
H5'' PSU A 7 5.66 -2.77 -8.47
N1 PSU A 12 1.25 3.62 2.72
C2 PSU A 12 0.88 2.37 3.12
N3 PSU A 12 -0.30 1.86 2.65
C4 PSU A 12 -1.19 2.50 1.80
C5 PSU A 12 -0.74 3.82 1.42
C6 PSU A 12 0.44 4.34 1.88
O2 PSU A 12 1.60 1.71 3.88
O4 PSU A 12 -2.22 1.94 1.46
C1' PSU A 12 -1.59 4.64 0.49
C2' PSU A 12 -2.64 5.41 1.27
O2' PSU A 12 -3.86 5.54 0.53
C3' PSU A 12 -1.98 6.76 1.49
C4' PSU A 12 -1.13 6.94 0.23
O3' PSU A 12 -2.99 7.77 1.49
O4' PSU A 12 -0.79 5.62 -0.20
C5' PSU A 12 0.12 7.76 0.52
O5' PSU A 12 0.97 7.11 1.48
P PSU A 12 2.16 7.93 2.19
OP1 PSU A 12 1.82 9.37 2.16
OP2 PSU A 12 2.46 7.26 3.48
HN1 PSU A 12 2.12 4.00 3.06
HN3 PSU A 12 -0.56 0.93 2.97
H6 PSU A 12 0.74 5.33 1.56
H1' PSU A 12 -2.07 3.98 -0.23
H2' PSU A 12 -2.82 4.92 2.24
HO2' PSU A 12 -3.99 6.47 0.36
H3' PSU A 12 -1.38 6.78 2.40
H4' PSU A 12 -1.72 7.43 -0.54
H5' PSU A 12 0.67 7.91 -0.41
H5'' PSU A 12 -0.18 8.74 0.92
N1 PSU A 14 -5.04 3.34 8.44
C2 PSU A 14 -4.19 2.61 9.22
N3 PSU A 14 -4.72 1.63 10.02
C4 PSU A 14 -6.07 1.31 10.13
C5 PSU A 14 -6.91 2.13 9.29
C6 PSU A 14 -6.39 3.10 8.48
O2 PSU A 14 -2.97 2.81 9.20
O4 PSU A 14 -6.42 0.42 10.89
C1' PSU A 14 -8.40 1.92 9.31
C2' PSU A 14 -9.06 2.89 10.27
O2' PSU A 14 -10.21 2.31 10.89
C3' PSU A 14 -9.45 4.05 9.36
C4' PSU A 14 -9.74 3.36 8.02
O3' PSU A 14 -10.67 4.62 9.86
O4' PSU A 14 -8.96 2.17 8.01
C5' PSU A 14 -9.39 4.27 6.86
O5' PSU A 14 -8.50 5.32 7.24
P PSU A 14 -8.12 6.50 6.22
OP1 PSU A 14 -9.33 7.32 5.99
OP2 PSU A 14 -6.87 7.15 6.67
HN1 PSU A 14 -4.65 4.07 7.85
HN3 PSU A 14 -4.08 1.10 10.58
H6 PSU A 14 -7.06 3.70 7.86
H1' PSU A 14 -8.61 0.89 9.61
H2' PSU A 14 -8.34 3.22 11.02
HO2' PSU A 14 -9.93 1.48 11.30
H3' PSU A 14 -8.65 4.79 9.28
H4' PSU A 14 -10.80 3.11 7.98
H5' PSU A 14 -8.92 3.69 6.07
H5'' PSU A 14 -10.31 4.72 6.47
N1 PSU A 6 3.56 -7.13 -1.91
C2 PSU A 6 4.77 -6.96 -1.30
N3 PSU A 6 5.33 -5.71 -1.33
C4 PSU A 6 4.77 -4.58 -1.93
C5 PSU A 6 3.51 -4.85 -2.55
C6 PSU A 6 2.93 -6.10 -2.53
O2 PSU A 6 5.34 -7.90 -0.74
O4 PSU A 6 5.38 -3.52 -1.88
C1' PSU A 6 2.79 -3.74 -3.27
C2' PSU A 6 3.37 -3.58 -4.68
O2' PSU A 6 3.62 -2.21 -5.00
C3' PSU A 6 2.28 -4.15 -5.58
C4' PSU A 6 1.00 -3.99 -4.78
O3' PSU A 6 2.18 -3.32 -6.75
O4' PSU A 6 1.40 -4.03 -3.41
C5' PSU A 6 0.01 -5.10 -5.09
O5' PSU A 6 -1.06 -5.16 -4.14
P PSU A 6 -2.09 -6.38 -4.14
OP1 PSU A 6 -2.84 -6.36 -5.41
OP2 PSU A 6 -1.35 -7.61 -3.73
HN1 PSU A 6 3.15 -8.06 -1.89
HN3 PSU A 6 6.23 -5.60 -0.87
H6 PSU A 6 1.97 -6.24 -3.00
H1' PSU A 6 2.93 -2.81 -2.72
H2' PSU A 6 4.28 -4.17 -4.79
HO2' PSU A 6 3.24 -2.03 -5.86
H3' PSU A 6 2.47 -5.20 -5.84
H4' PSU A 6 0.55 -3.02 -5.00
H5' PSU A 6 -0.41 -4.92 -6.09
H5'' PSU A 6 0.53 -6.06 -5.10
N1 PSU A 7 6.70 -6.12 -7.97
C2 PSU A 7 7.87 -6.73 -8.31
N3 PSU A 7 9.04 -6.05 -8.07
C4 PSU A 7 9.14 -4.79 -7.50
C5 PSU A 7 7.87 -4.22 -7.17
C6 PSU A 7 6.69 -4.88 -7.40
O2 PSU A 7 7.88 -7.85 -8.81
O4 PSU A 7 10.26 -4.29 -7.35
C1' PSU A 7 7.82 -2.85 -6.54
C2' PSU A 7 8.23 -1.77 -7.55
O2' PSU A 7 9.50 -1.20 -7.22
C3' PSU A 7 7.12 -0.74 -7.45
C4' PSU A 7 5.93 -1.52 -6.92
O3' PSU A 7 7.49 0.22 -6.46
O4' PSU A 7 6.48 -2.55 -6.10
C5' PSU A 7 5.12 -2.12 -8.07
O5' PSU A 7 4.52 -3.36 -7.69
P PSU A 7 2.99 -3.70 -8.09
OP1 PSU A 7 2.58 -2.76 -9.16
OP2 PSU A 7 2.88 -5.15 -8.31
HN1 PSU A 7 5.83 -6.63 -8.14
HN3 PSU A 7 9.89 -6.51 -8.33
H6 PSU A 7 5.75 -4.41 -7.14
H1' PSU A 7 8.49 -2.82 -5.68
H2' PSU A 7 8.25 -2.19 -8.56
HO2' PSU A 7 10.05 -1.25 -8.01
H3' PSU A 7 6.91 -0.26 -8.41
H4' PSU A 7 5.30 -0.87 -6.32
H5' PSU A 7 4.32 -1.41 -8.34
H5'' PSU A 7 5.76 -2.27 -8.93
N1 PSU A 12 1.40 3.20 3.85
C2 PSU A 12 1.06 1.97 4.34
N3 PSU A 12 0.02 1.32 3.76
C4 PSU A 12 -0.75 1.77 2.69
C5 PSU A 12 -0.33 3.06 2.22
C6 PSU A 12 0.71 3.74 2.80
O2 PSU A 12 1.67 1.48 5.29
O4 PSU A 12 -1.66 1.07 2.26
C1' PSU A 12 -1.07 3.70 1.07
C2' PSU A 12 -2.28 4.49 1.58
O2' PSU A 12 -3.36 4.44 0.65
C3' PSU A 12 -1.71 5.89 1.72
C4' PSU A 12 -0.73 5.97 0.56
O3' PSU A 12 -2.77 6.82 1.47
O4' PSU A 12 -0.22 4.64 0.38
C5' PSU A 12 0.40 6.95 0.89
O5' PSU A 12 1.21 6.49 1.96
P PSU A 12 2.09 7.53 2.83
OP1 PSU A 12 1.47 8.87 2.70
OP2 PSU A 12 2.31 6.94 4.17
HN1 PSU A 12 2.18 3.69 4.28
HN3 PSU A 12 -0.23 0.41 4.14
H6 PSU A 12 1.00 4.71 2.41
H1' PSU A 12 -1.40 2.92 0.38
H2' PSU A 12 -2.58 4.11 2.56
HO2' PSU A 12 -2.98 4.29 -0.22
H3' PSU A 12 -1.24 6.05 2.67
H4' PSU A 12 -1.24 6.29 -0.34
H5' PSU A 12 1.02 7.07 -0.01
H5'' PSU A 12 -0.04 7.91 1.15
N1 PSU A 14 -5.47 3.48 8.57
C2 PSU A 14 -4.76 2.64 9.38
N3 PSU A 14 -5.44 1.84 10.26
C4 PSU A 14 -6.83 1.79 10.41
C5 PSU A 14 -7.51 2.69 9.52
C6 PSU A 14 -6.85 3.50 8.65
O2 PSU A 14 -3.53 2.62 9.33
O4 PSU A 14 -7.30 1.01 11.23
C1' PSU A 14 -9.02 2.76 9.59
C2' PSU A 14 -9.47 3.95 10.43
O2' PSU A 14 -10.71 3.69 11.09
C3' PSU A 14 -9.60 5.05 9.39
C4' PSU A 14 -10.10 4.29 8.16
O3' PSU A 14 -10.63 5.94 9.81
O4' PSU A 14 -9.57 2.96 8.28
C5' PSU A 14 -9.63 4.96 6.87
O5' PSU A 14 -8.37 5.61 7.04
P PSU A 14 -7.96 6.85 6.10
OP1 PSU A 14 -9.16 7.71 5.91
OP2 PSU A 14 -6.71 7.45 6.63
HN1 PSU A 14 -4.98 4.07 7.94
HN3 PSU A 14 -4.89 1.23 10.84
H6 PSU A 14 -7.41 4.16 8.00
H1' PSU A 14 -9.41 1.84 10.01
H2' PSU A 14 -8.69 4.21 11.15
HO2' PSU A 14 -11.41 3.95 10.49
H3' PSU A 14 -8.66 5.55 9.20
H4' PSU A 14 -11.19 4.24 8.17
H5' PSU A 14 -9.54 4.20 6.09
H5'' PSU A 14 -10.37 5.69 6.56
N1 PSU A 6 2.64 -7.28 -2.83
C2 PSU A 6 3.82 -7.29 -2.14
N3 PSU A 6 4.47 -6.09 -1.96
C4 PSU A 6 4.03 -4.85 -2.43
C5 PSU A 6 2.78 -4.93 -3.15
C6 PSU A 6 2.13 -6.12 -3.33
O2 PSU A 6 4.28 -8.33 -1.69
O4 PSU A 6 4.72 -3.85 -2.21
C1' PSU A 6 2.20 -3.67 -3.73
C2' PSU A 6 2.80 -3.40 -5.12
O2' PSU A 6 3.08 -2.01 -5.29
C3' PSU A 6 1.71 -3.87 -6.06
C4' PSU A 6 0.43 -3.67 -5.29
O3' PSU A 6 1.70 -3.00 -7.20
O4' PSU A 6 0.77 -3.81 -3.91
C5' PSU A 6 -0.64 -4.69 -5.70
O5' PSU A 6 -1.61 -4.88 -4.68
P PSU A 6 -2.77 -5.98 -4.86
OP1 PSU A 6 -3.62 -5.58 -6.00
OP2 PSU A 6 -2.15 -7.33 -4.84
HN1 PSU A 6 2.16 -8.17 -2.96
HN3 PSU A 6 5.34 -6.11 -1.45
H6 PSU A 6 1.19 -6.12 -3.87
H1' PSU A 6 2.41 -2.84 -3.07
H2' PSU A 6 3.70 -4.00 -5.25
HO2' PSU A 6 2.40 -1.65 -5.87
H3' PSU A 6 1.86 -4.91 -6.36
H4' PSU A 6 0.06 -2.66 -5.46
H5' PSU A 6 -1.13 -4.33 -6.61
H5'' PSU A 6 -0.16 -5.63 -5.92
N1 PSU A 7 6.09 -6.54 -7.91
C2 PSU A 7 7.20 -7.30 -8.14
N3 PSU A 7 8.41 -6.80 -7.78
C4 PSU A 7 8.64 -5.57 -7.17
C5 PSU A 7 7.43 -4.83 -6.95
C6 PSU A 7 6.21 -5.32 -7.31
O2 PSU A 7 7.11 -8.41 -8.68
O4 PSU A 7 9.79 -5.23 -6.89
C1' PSU A 7 7.50 -3.47 -6.30
C2' PSU A 7 8.37 -2.52 -7.12
O2' PSU A 7 9.13 -1.65 -6.28
C3' PSU A 7 7.36 -1.76 -7.95
C4' PSU A 7 6.11 -1.73 -7.06
O3' PSU A 7 7.84 -0.41 -8.15
O4' PSU A 7 6.20 -2.88 -6.21
C5' PSU A 7 4.83 -1.77 -7.90
O5' PSU A 7 4.16 -3.03 -7.76
P PSU A 7 2.71 -3.26 -8.43
OP1 PSU A 7 2.49 -2.19 -9.44
OP2 PSU A 7 2.61 -4.68 -8.83
HN1 PSU A 7 5.19 -6.91 -8.18
HN3 PSU A 7 9.23 -7.38 -7.95
H6 PSU A 7 5.30 -4.72 -7.13
H1' PSU A 7 7.93 -3.57 -5.30
H2' PSU A 7 9.03 -3.10 -7.78
HO2' PSU A 7 9.13 -2.03 -5.40
H3' PSU A 7 7.16 -2.26 -8.90
H4' PSU A 7 6.11 -0.84 -6.45
H5' PSU A 7 4.16 -0.98 -7.58
H5'' PSU A 7 5.08 -1.62 -8.96
N1 PSU A 12 0.91 3.29 3.45
C2 PSU A 12 0.57 1.99 3.73
N3 PSU A 12 -0.48 1.44 3.04
C4 PSU A 12 -1.23 2.07 2.06
C5 PSU A 12 -0.80 3.43 1.81
C6 PSU A 12 0.24 4.00 2.50
O2 PSU A 12 1.17 1.35 4.58
O4 PSU A 12 -2.14 1.46 1.51
C1' PSU A 12 -1.53 4.24 0.77
C2' PSU A 12 -2.75 4.93 1.40
O2' PSU A 12 -3.83 5.02 0.47
C3' PSU A 12 -2.20 6.30 1.74
C4' PSU A 12 -1.20 6.57 0.64
O3' PSU A 12 -3.26 7.25 1.63
O4' PSU A 12 -0.68 5.29 0.27
C5' PSU A 12 -0.08 7.50 1.12
O5' PSU A 12 0.68 6.90 2.19
P PSU A 12 1.92 7.69 2.84
OP1 PSU A 12 1.54 9.11 2.97
OP2 PSU A 12 2.36 6.94 4.03
HN1 PSU A 12 1.69 3.70 3.95
HN3 PSU A 12 -0.72 0.48 3.27
H6 PSU A 12 0.52 5.02 2.28
H1' PSU A 12 -1.85 3.60 -0.04
H2' PSU A 12 -3.05 4.41 2.30
HO2' PSU A 12 -4.36 5.78 0.71
H3' PSU A 12 -1.74 6.32 2.74
H4' PSU A 12 -1.70 7.02 -0.21
H5' PSU A 12 0.59 7.70 0.29
H5'' PSU A 12 -0.51 8.43 1.47
N1 PSU A 14 -5.31 3.46 8.71
C2 PSU A 14 -4.43 2.80 9.51
N3 PSU A 14 -4.94 1.95 10.46
C4 PSU A 14 -6.28 1.69 10.68
C5 PSU A 14 -7.15 2.43 9.80
C6 PSU A 14 -6.65 3.28 8.86
O2 PSU A 14 -3.22 2.96 9.39
O4 PSU A 14 -6.60 0.89 11.57
C1' PSU A 14 -8.63 2.25 9.92
C2' PSU A 14 -9.23 3.30 10.85
O2' PSU A 14 -10.29 2.76 11.66
C3' PSU A 14 -9.75 4.35 9.90
C4' PSU A 14 -10.10 3.58 8.64
O3' PSU A 14 -10.96 4.89 10.44
O4' PSU A 14 -9.27 2.41 8.64
C5' PSU A 14 -9.87 4.42 7.39
O5' PSU A 14 -8.64 5.15 7.47
P PSU A 14 -8.46 6.54 6.67
OP1 PSU A 14 -9.77 7.23 6.66
OP2 PSU A 14 -7.27 7.23 7.22
HN1 PSU A 14 -4.93 4.09 8.01
HN3 PSU A 14 -4.27 1.46 11.04
H6 PSU A 14 -7.34 3.81 8.21
H1' PSU A 14 -8.85 1.26 10.31
H2' PSU A 14 -8.44 3.72 11.49
HO2' PSU A 14 -9.92 2.60 12.54
H3' PSU A 14 -9.02 5.14 9.70
H4' PSU A 14 -11.15 3.27 8.68
H5' PSU A 14 -9.84 3.76 6.52
H5'' PSU A 14 -10.69 5.12 7.27
N1 PSU A 6 2.79 -7.38 -2.09
C2 PSU A 6 4.03 -7.37 -1.51
N3 PSU A 6 4.73 -6.19 -1.51
C4 PSU A 6 4.32 -4.99 -2.07
C5 PSU A 6 3.01 -5.08 -2.66
C6 PSU A 6 2.29 -6.23 -2.66
O2 PSU A 6 4.49 -8.38 -0.99
O4 PSU A 6 5.05 -4.01 -2.01
C1' PSU A 6 2.42 -3.86 -3.34
C2' PSU A 6 3.06 -3.68 -4.72
O2' PSU A 6 3.52 -2.34 -4.91
C3' PSU A 6 1.93 -4.01 -5.69
C4' PSU A 6 0.67 -3.75 -4.91
O3' PSU A 6 1.98 -3.09 -6.78
O4' PSU A 6 1.02 -4.02 -3.54
C5' PSU A 6 -0.46 -4.64 -5.37
O5' PSU A 6 -1.55 -4.66 -4.44
P PSU A 6 -2.35 -6.01 -4.14
OP1 PSU A 6 -3.14 -6.37 -5.34
OP2 PSU A 6 -1.39 -6.99 -3.56
HN1 PSU A 6 2.27 -8.24 -2.08
HN3 PSU A 6 5.65 -6.21 -1.08
H6 PSU A 6 1.30 -6.25 -3.12
H1' PSU A 6 2.62 -2.98 -2.73
H2' PSU A 6 3.88 -4.39 -4.85
HO2' PSU A 6 3.06 -1.98 -5.67
H3' PSU A 6 1.99 -5.05 -6.04
H4' PSU A 6 0.39 -2.70 -5.00
H5' PSU A 6 -0.82 -4.29 -6.34
H5'' PSU A 6 -0.09 -5.67 -5.49
N1 PSU A 7 6.06 -6.18 -8.32
C2 PSU A 7 7.08 -6.84 -8.95
N3 PSU A 7 8.36 -6.50 -8.63
C4 PSU A 7 8.74 -5.54 -7.70
C5 PSU A 7 7.62 -4.89 -7.07
C6 PSU A 7 6.33 -5.21 -7.39
O2 PSU A 7 6.83 -7.70 -9.79
O4 PSU A 7 9.93 -5.33 -7.49
C1' PSU A 7 7.87 -3.82 -6.04
C2' PSU A 7 8.82 -2.76 -6.59
O2' PSU A 7 9.64 -2.21 -5.55
C3' PSU A 7 7.87 -1.70 -7.16
C4' PSU A 7 6.49 -2.02 -6.58
O3' PSU A 7 8.29 -0.41 -6.67
O4' PSU A 7 6.67 -3.13 -5.70
C5' PSU A 7 5.49 -2.35 -7.70
O5' PSU A 7 4.46 -3.23 -7.23
P PSU A 7 3.03 -3.30 -7.99
OP1 PSU A 7 2.93 -2.14 -8.90
OP2 PSU A 7 2.86 -4.67 -8.51
HN1 PSU A 7 5.11 -6.43 -8.56
HN3 PSU A 7 9.10 -7.00 -9.10
H6 PSU A 7 5.51 -4.70 -6.89
H1' PSU A 7 8.30 -4.27 -5.15
H2' PSU A 7 9.43 -3.18 -7.39
HO2' PSU A 7 9.10 -2.14 -4.76
H3' PSU A 7 7.87 -1.72 -8.26
H4' PSU A 7 6.13 -1.17 -6.02
H5' PSU A 7 5.04 -1.43 -8.05
H5'' PSU A 7 6.01 -2.84 -8.52
N1 PSU A 12 1.34 3.55 3.18
C2 PSU A 12 0.85 2.30 3.45
N3 PSU A 12 -0.28 1.90 2.81
C4 PSU A 12 -1.00 2.65 1.87
C5 PSU A 12 -0.42 3.95 1.64
C6 PSU A 12 0.71 4.35 2.28
O2 PSU A 12 1.42 1.57 4.26
O4 PSU A 12 -2.01 2.16 1.36
C1' PSU A 12 -1.09 4.88 0.65
C2' PSU A 12 -2.26 5.59 1.32
O2' PSU A 12 -3.39 5.70 0.43
C3' PSU A 12 -1.69 6.95 1.64
C4' PSU A 12 -0.70 7.19 0.52
O3' PSU A 12 -2.73 7.93 1.53
O4' PSU A 12 -0.17 5.89 0.22
C5' PSU A 12 0.41 8.15 0.95
O5' PSU A 12 1.27 7.57 1.93
P PSU A 12 2.40 8.46 2.65
OP1 PSU A 12 1.98 9.88 2.59
OP2 PSU A 12 2.72 7.84 3.95
HN1 PSU A 12 2.18 3.85 3.65
HN3 PSU A 12 -0.63 0.97 3.02
H6 PSU A 12 1.11 5.35 2.08
H1' PSU A 12 -1.44 4.30 -0.20
H2' PSU A 12 -2.55 5.08 2.24
HO2' PSU A 12 -3.86 6.50 0.65
H3' PSU A 12 -1.22 6.98 2.62
H4' PSU A 12 -1.21 7.58 -0.36
H5' PSU A 12 0.99 8.43 0.07
H5'' PSU A 12 -0.05 9.05 1.36
N1 PSU A 14 -5.48 3.72 8.62
C2 PSU A 14 -4.62 2.94 9.32
N3 PSU A 14 -5.11 1.83 9.95
C4 PSU A 14 -6.44 1.40 9.94
C5 PSU A 14 -7.30 2.28 9.17
C6 PSU A 14 -6.81 3.39 8.55
O2 PSU A 14 -3.42 3.22 9.40
O4 PSU A 14 -6.75 0.39 10.54
C1' PSU A 14 -8.76 1.96 9.07
C2' PSU A 14 -9.57 2.74 10.09
O2' PSU A 14 -10.69 1.99 10.56
C3' PSU A 14 -10.02 3.95 9.30
C4' PSU A 14 -10.18 3.41 7.89
O3' PSU A 14 -11.30 4.35 9.77
O4' PSU A 14 -9.27 2.31 7.78
C5' PSU A 14 -9.87 4.49 6.85
O5' PSU A 14 -8.62 5.13 7.12
P PSU A 14 -8.35 6.64 6.62
OP1 PSU A 14 -9.64 7.36 6.58
OP2 PSU A 14 -7.23 7.19 7.41
HN1 PSU A 14 -5.12 4.54 8.17
HN3 PSU A 14 -4.45 1.26 10.46
H6 PSU A 14 -7.49 4.04 7.99
H1' PSU A 14 -8.90 0.88 9.24
H2' PSU A 14 -8.93 3.05 10.92
HO2' PSU A 14 -10.77 1.20 10.00
H3' PSU A 14 -9.28 4.76 9.35
H4' PSU A 14 -11.20 3.06 7.75
H5' PSU A 14 -9.82 4.04 5.86
H5'' PSU A 14 -10.65 5.24 6.87
N1 PSU A 6 2.83 -7.42 -2.32
C2 PSU A 6 4.06 -7.32 -1.73
N3 PSU A 6 4.70 -6.10 -1.77
C4 PSU A 6 4.21 -4.94 -2.36
C5 PSU A 6 2.91 -5.13 -2.96
C6 PSU A 6 2.27 -6.33 -2.93
O2 PSU A 6 4.58 -8.29 -1.17
O4 PSU A 6 4.88 -3.92 -2.32
C1' PSU A 6 2.25 -3.96 -3.65
C2' PSU A 6 2.87 -3.74 -5.03
O2' PSU A 6 3.44 -2.43 -5.14
C3' PSU A 6 1.71 -3.93 -6.01
C4' PSU A 6 0.48 -3.77 -5.14
O3' PSU A 6 1.74 -2.86 -6.95
O4' PSU A 6 0.86 -4.23 -3.85
C5' PSU A 6 -0.69 -4.58 -5.70
O5' PSU A 6 -1.71 -4.77 -4.72
P PSU A 6 -2.04 -6.25 -4.16
OP1 PSU A 6 -2.84 -6.97 -5.18
OP2 PSU A 6 -0.78 -6.85 -3.66
HN1 PSU A 6 2.36 -8.32 -2.29
HN3 PSU A 6 5.60 -6.05 -1.32
H6 PSU A 6 1.28 -6.42 -3.39
H1' PSU A 6 2.37 -3.08 -3.04
H2' PSU A 6 3.64 -4.50 -5.23
HO2' PSU A 6 2.84 -1.82 -4.68
H3' PSU A 6 1.75 -4.91 -6.50
H4' PSU A 6 0.20 -2.72 -5.08
H5' PSU A 6 -1.11 -4.06 -6.56
H5'' PSU A 6 -0.31 -5.56 -6.03
N1 PSU A 7 5.44 -5.77 -8.26
C2 PSU A 7 6.42 -6.42 -8.95
N3 PSU A 7 7.70 -5.91 -8.90
C4 PSU A 7 8.08 -4.76 -8.22
C5 PSU A 7 7.00 -4.12 -7.52
C6 PSU A 7 5.73 -4.63 -7.55
O2 PSU A 7 6.18 -7.45 -9.58
O4 PSU A 7 9.26 -4.40 -8.26
C1' PSU A 7 7.27 -2.88 -6.72
C2' PSU A 7 7.97 -1.83 -7.58
O2' PSU A 7 8.87 -1.02 -6.82
C3' PSU A 7 6.80 -1.02 -8.12
C4' PSU A 7 5.73 -1.12 -7.04
O3' PSU A 7 7.20 0.36 -8.25
O4' PSU A 7 6.04 -2.29 -6.28
C5' PSU A 7 4.34 -1.25 -7.66
O5' PSU A 7 4.02 -2.61 -7.97
P PSU A 7 2.51 -3.01 -8.35
OP1 PSU A 7 1.98 -2.01 -9.29
OP2 PSU A 7 2.50 -4.45 -8.72
HN1 PSU A 7 4.50 -6.15 -8.30
HN3 PSU A 7 8.40 -6.40 -9.42
H6 PSU A 7 4.93 -4.12 -7.01
H1' PSU A 7 7.90 -3.11 -5.87
H2' PSU A 7 8.48 -2.32 -8.41
HO2' PSU A 7 8.46 -0.87 -5.97
H3' PSU A 7 6.44 -1.41 -9.08
H4' PSU A 7 5.76 -0.24 -6.41
H5' PSU A 7 3.60 -0.84 -6.98
H5'' PSU A 7 4.32 -0.66 -8.59
N1 PSU A 12 1.54 3.04 3.55
C2 PSU A 12 1.16 1.81 4.03
N3 PSU A 12 0.03 1.24 3.49
C4 PSU A 12 -0.77 1.79 2.50
C5 PSU A 12 -0.31 3.07 2.05
C6 PSU A 12 0.81 3.65 2.57
O2 PSU A 12 1.80 1.25 4.90
O4 PSU A 12 -1.76 1.15 2.11
C1' PSU A 12 -1.07 3.79 0.97
C2' PSU A 12 -2.25 4.57 1.57
O2' PSU A 12 -3.39 4.54 0.72
C3' PSU A 12 -1.67 5.97 1.71
C4' PSU A 12 -0.75 6.07 0.52
O3' PSU A 12 -2.75 6.91 1.54
O4' PSU A 12 -0.23 4.75 0.30
C5' PSU A 12 0.38 7.07 0.77
O5' PSU A 12 1.23 6.65 1.86
P PSU A 12 2.27 7.68 2.52
OP1 PSU A 12 1.74 9.05 2.35
OP2 PSU A 12 2.62 7.18 3.87
HN1 PSU A 12 2.37 3.47 3.94
HN3 PSU A 12 -0.23 0.34 3.85
H6 PSU A 12 1.12 4.63 2.20
H1' PSU A 12 -1.44 3.06 0.25
H2' PSU A 12 -2.49 4.16 2.56
HO2' PSU A 12 -4.11 4.94 1.19
H3' PSU A 12 -1.15 6.10 2.66
H4' PSU A 12 -1.31 6.38 -0.36
H5' PSU A 12 0.99 7.16 -0.13
H5'' PSU A 12 -0.05 8.04 1.02
N1 PSU A 14 -5.50 3.46 8.69
C2 PSU A 14 -4.68 2.69 9.49
N3 PSU A 14 -5.28 1.77 10.31
C4 PSU A 14 -6.65 1.51 10.40
C5 PSU A 14 -7.43 2.34 9.52
C6 PSU A 14 -6.85 3.28 8.71
O2 PSU A 14 -3.47 2.84 9.48
O4 PSU A 14 -7.04 0.65 11.17
C1' PSU A 14 -8.93 2.20 9.53
C2' PSU A 14 -9.56 3.22 10.45
O2' PSU A 14 -10.78 2.72 11.02
C3' PSU A 14 -9.82 4.39 9.52
C4' PSU A 14 -10.14 3.71 8.19
O3' PSU A 14 -11.00 5.07 9.97
O4' PSU A 14 -9.46 2.45 8.21
C5' PSU A 14 -9.68 4.57 7.01
O5' PSU A 14 -8.57 5.41 7.37
P PSU A 14 -8.29 6.78 6.58
OP1 PSU A 14 -9.56 7.54 6.53
OP2 PSU A 14 -7.08 7.41 7.15
HN1 PSU A 14 -5.07 4.14 8.09
HN3 PSU A 14 -4.67 1.21 10.89
H6 PSU A 14 -7.48 3.89 8.06
H1' PSU A 14 -9.19 1.19 9.84
H2' PSU A 14 -8.86 3.51 11.23
HO2' PSU A 14 -11.30 2.35 10.30
H3' PSU A 14 -8.96 5.05 9.45
H4' PSU A 14 -11.22 3.55 8.12
H5' PSU A 14 -9.39 3.91 6.19
H5'' PSU A 14 -10.50 5.20 6.69
N1 PSU A 6 2.95 -7.12 -1.41
C2 PSU A 6 4.20 -6.99 -0.87
N3 PSU A 6 4.88 -5.83 -1.10
C4 PSU A 6 4.43 -4.75 -1.86
C5 PSU A 6 3.11 -4.96 -2.39
C6 PSU A 6 2.41 -6.11 -2.16
O2 PSU A 6 4.69 -7.89 -0.19
O4 PSU A 6 5.15 -3.76 -1.98
C1' PSU A 6 2.48 -3.89 -3.26
C2' PSU A 6 3.07 -3.97 -4.68
O2' PSU A 6 3.45 -2.68 -5.15
C3' PSU A 6 1.94 -4.56 -5.51
C4' PSU A 6 0.69 -4.20 -4.75
O3' PSU A 6 1.91 -3.86 -6.76
O4' PSU A 6 1.07 -4.10 -3.38
C5' PSU A 6 -0.38 -5.27 -4.95
O5' PSU A 6 -1.62 -4.93 -4.31
P PSU A 6 -2.97 -5.70 -4.73
OP1 PSU A 6 -3.57 -5.00 -5.88
OP2 PSU A 6 -2.68 -7.14 -4.80
HN1 PSU A 6 2.43 -7.97 -1.24
HN3 PSU A 6 5.81 -5.75 -0.70
H6 PSU A 6 1.41 -6.21 -2.57
H1' PSU A 6 2.69 -2.92 -2.84
H2' PSU A 6 3.92 -4.66 -4.68
HO2' PSU A 6 3.05 -2.03 -4.57
H3' PSU A 6 2.05 -5.63 -5.64
H4' PSU A 6 0.31 -3.24 -5.09
H5' PSU A 6 -0.56 -5.39 -6.02
H5'' PSU A 6 -0.02 -6.22 -4.54
N1 PSU A 7 6.97 -6.41 -4.71
C2 PSU A 7 7.98 -6.71 -3.83
N3 PSU A 7 8.69 -5.67 -3.30
C4 PSU A 7 8.50 -4.32 -3.57
C5 PSU A 7 7.43 -4.09 -4.50
C6 PSU A 7 6.70 -5.11 -5.05
O2 PSU A 7 8.23 -7.87 -3.53
O4 PSU A 7 9.21 -3.48 -3.03
C1' PSU A 7 7.09 -2.67 -4.90
C2' PSU A 7 7.93 -2.23 -6.09
O2' PSU A 7 9.12 -1.56 -5.66
C3' PSU A 7 7.00 -1.28 -6.81
C4' PSU A 7 5.62 -1.87 -6.55
O3' PSU A 7 7.07 0.00 -6.19
O4' PSU A 7 5.71 -2.57 -5.31
C5' PSU A 7 5.20 -2.81 -7.68
O5' PSU A 7 4.39 -3.88 -7.21
P PSU A 7 2.98 -4.21 -7.92
OP1 PSU A 7 2.78 -3.26 -9.04
OP2 PSU A 7 2.93 -5.67 -8.17
HN1 PSU A 7 6.44 -7.18 -5.11
HN3 PSU A 7 9.43 -5.90 -2.65
H6 PSU A 7 5.91 -4.90 -5.75
H1' PSU A 7 7.26 -2.01 -4.05
H2' PSU A 7 8.17 -3.09 -6.72
HO2' PSU A 7 8.86 -0.85 -5.07
H3' PSU A 7 7.22 -1.23 -7.89
H4' PSU A 7 4.89 -1.07 -6.46
H5' PSU A 7 4.64 -2.23 -8.42
H5'' PSU A 7 6.09 -3.22 -8.15
N1 PSU A 12 0.99 3.27 2.97
C2 PSU A 12 0.73 1.97 3.29
N3 PSU A 12 -0.33 1.35 2.67
C4 PSU A 12 -1.18 1.94 1.73
C5 PSU A 12 -0.83 3.31 1.44
C6 PSU A 12 0.22 3.93 2.06
O2 PSU A 12 1.41 1.36 4.11
O4 PSU A 12 -2.08 1.28 1.24
C1' PSU A 12 -1.65 4.09 0.44
C2' PSU A 12 -2.73 4.89 1.16
O2' PSU A 12 -3.97 4.87 0.43
C3' PSU A 12 -2.14 6.29 1.19
C4' PSU A 12 -1.30 6.35 -0.07
O3' PSU A 12 -3.23 7.23 1.04
O4' PSU A 12 -0.82 5.02 -0.27
C5' PSU A 12 -0.14 7.33 0.08
O5' PSU A 12 0.66 7.04 1.23
P PSU A 12 1.54 8.20 1.93
OP1 PSU A 12 0.96 9.52 1.58
OP2 PSU A 12 1.74 7.84 3.35
HN1 PSU A 12 1.76 3.72 3.43
HN3 PSU A 12 -0.51 0.40 2.91
H6 PSU A 12 0.44 4.97 1.82
H1' PSU A 12 -2.11 3.39 -0.26
H2' PSU A 12 -2.87 4.53 2.18
HO2' PSU A 12 -4.35 3.99 0.54
H3' PSU A 12 -1.56 6.48 2.09
H4' PSU A 12 -1.91 6.65 -0.92
H5' PSU A 12 0.49 7.30 -0.81
H5'' PSU A 12 -0.55 8.35 0.18
N1 PSU A 14 -5.02 3.68 8.53
C2 PSU A 14 -4.12 2.88 9.17
N3 PSU A 14 -4.60 1.83 9.90
C4 PSU A 14 -5.93 1.49 10.05
C5 PSU A 14 -6.82 2.38 9.35
C6 PSU A 14 -6.36 3.43 8.62
O2 PSU A 14 -2.91 3.10 9.09
O4 PSU A 14 -6.24 0.51 10.74
C1' PSU A 14 -8.31 2.15 9.44
C2' PSU A 14 -8.93 3.03 10.52
O2' PSU A 14 -10.02 2.37 11.17
C3' PSU A 14 -9.39 4.25 9.74
C4' PSU A 14 -9.77 3.66 8.38
O3' PSU A 14 -10.57 4.75 10.36
O4' PSU A 14 -8.95 2.50 8.20
C5' PSU A 14 -9.56 4.68 7.26
O5' PSU A 14 -8.47 5.56 7.56
P PSU A 14 -8.27 6.92 6.70
OP1 PSU A 14 -9.57 7.62 6.66
OP2 PSU A 14 -7.08 7.61 7.22
HN1 PSU A 14 -4.65 4.47 7.98
HN3 PSU A 14 -3.92 1.24 10.36
H6 PSU A 14 -7.06 4.09 8.10
H1' PSU A 14 -8.50 1.11 9.67
H2' PSU A 14 -8.16 3.33 11.25
HO2' PSU A 14 -9.65 1.89 11.92
H3' PSU A 14 -8.61 5.00 9.65
H4' PSU A 14 -10.82 3.36 8.40
H5' PSU A 14 -9.34 4.14 6.34
H5'' PSU A 14 -10.47 5.26 7.13
N1 PSU A 6 2.62 -7.60 -1.88
C2 PSU A 6 3.79 -7.68 -1.18
N3 PSU A 6 4.57 -6.56 -1.12
C4 PSU A 6 4.30 -5.34 -1.71
C5 PSU A 6 3.05 -5.33 -2.42
C6 PSU A 6 2.26 -6.44 -2.49
O2 PSU A 6 4.14 -8.72 -0.63
O4 PSU A 6 5.09 -4.40 -1.58
C1' PSU A 6 2.60 -4.07 -3.13
C2' PSU A 6 3.29 -3.95 -4.49
O2' PSU A 6 3.89 -2.66 -4.66
C3' PSU A 6 2.17 -4.18 -5.50
C4' PSU A 6 0.92 -3.79 -4.73
O3' PSU A 6 2.34 -3.25 -6.57
O4' PSU A 6 1.19 -4.10 -3.37
C5' PSU A 6 -0.29 -4.56 -5.25
O5' PSU A 6 -1.36 -4.56 -4.32
P PSU A 6 -2.38 -5.81 -4.25
OP1 PSU A 6 -3.21 -5.78 -5.48
OP2 PSU A 6 -1.62 -7.02 -3.92
HN1 PSU A 6 2.04 -8.43 -1.92
HN3 PSU A 6 5.44 -6.64 -0.60
H6 PSU A 6 1.32 -6.39 -3.04
H1' PSU A 6 2.85 -3.21 -2.52
H2' PSU A 6 4.04 -4.74 -4.60
HO2' PSU A 6 4.19 -2.36 -3.80
H3' PSU A 6 2.13 -5.20 -5.84
H4' PSU A 6 0.74 -2.72 -4.83
H5' PSU A 6 -0.63 -4.11 -6.19
H5'' PSU A 6 0.01 -5.59 -5.45
N1 PSU A 7 6.31 -6.44 -7.64
C2 PSU A 7 7.44 -7.20 -7.81
N3 PSU A 7 8.64 -6.67 -7.42
C4 PSU A 7 8.83 -5.41 -6.86
C5 PSU A 7 7.61 -4.67 -6.71
C6 PSU A 7 6.40 -5.19 -7.09
O2 PSU A 7 7.38 -8.33 -8.29
O4 PSU A 7 9.96 -5.05 -6.56
C1' PSU A 7 7.66 -3.29 -6.11
C2' PSU A 7 8.47 -2.36 -6.99
O2' PSU A 7 9.10 -1.34 -6.22
C3' PSU A 7 7.43 -1.79 -7.94
C4' PSU A 7 6.17 -1.72 -7.05
O3' PSU A 7 7.82 -0.47 -8.34
O4' PSU A 7 6.33 -2.72 -6.05
C5' PSU A 7 4.92 -1.97 -7.89
O5' PSU A 7 4.51 -3.34 -7.82
P PSU A 7 2.96 -3.74 -7.97
OP1 PSU A 7 2.37 -2.92 -9.05
OP2 PSU A 7 2.87 -5.21 -8.04
HN1 PSU A 7 5.43 -6.84 -7.92
HN3 PSU A 7 9.45 -7.24 -7.55
H6 PSU A 7 5.49 -4.60 -6.96
H1' PSU A 7 8.08 -3.33 -5.12
H2' PSU A 7 9.21 -2.94 -7.55
HO2' PSU A 7 9.13 -1.65 -5.31
H3' PSU A 7 7.27 -2.45 -8.79
H4' PSU A 7 6.10 -0.74 -6.59
H5' PSU A 7 4.11 -1.35 -7.52
H5'' PSU A 7 5.12 -1.71 -8.93
N1 PSU A 12 1.34 3.31 3.23
C2 PSU A 12 1.01 2.03 3.57
N3 PSU A 12 -0.11 1.49 2.99
C4 PSU A 12 -0.95 2.12 2.09
C5 PSU A 12 -0.54 3.47 1.79
C6 PSU A 12 0.57 4.02 2.37
O2 PSU A 12 1.70 1.38 4.35
O4 PSU A 12 -1.93 1.51 1.65
C1' PSU A 12 -1.36 4.29 0.84
C2' PSU A 12 -2.47 5.05 1.59
O2' PSU A 12 -3.70 5.03 0.86
C3' PSU A 12 -1.90 6.46 1.69
C4' PSU A 12 -1.06 6.58 0.43
O3' PSU A 12 -2.99 7.38 1.59
O4' PSU A 12 -0.54 5.28 0.18
C5' PSU A 12 0.07 7.60 0.62
O5' PSU A 12 0.89 7.28 1.76
P PSU A 12 1.90 8.38 2.36
OP1 PSU A 12 1.34 9.71 2.13
OP2 PSU A 12 2.28 7.95 3.72
HN1 PSU A 12 2.16 3.72 3.65
HN3 PSU A 12 -0.34 0.53 3.24
H6 PSU A 12 0.84 5.05 2.11
H1' PSU A 12 -1.82 3.64 0.09
H2' PSU A 12 -2.60 4.63 2.58
HO2' PSU A 12 -3.85 4.12 0.58
H3' PSU A 12 -1.31 6.60 2.59
H4' PSU A 12 -1.68 6.89 -0.40
H5' PSU A 12 0.70 7.61 -0.27
H5'' PSU A 12 -0.37 8.59 0.76
N1 PSU A 14 -4.92 3.71 8.48
C2 PSU A 14 -4.02 3.02 9.23
N3 PSU A 14 -4.48 2.06 10.10
C4 PSU A 14 -5.81 1.72 10.29
C5 PSU A 14 -6.71 2.49 9.47
C6 PSU A 14 -6.25 3.45 8.61
O2 PSU A 14 -2.81 3.26 9.14
O4 PSU A 14 -6.10 0.84 11.09
C1' PSU A 14 -8.19 2.24 9.56
C2' PSU A 14 -8.85 3.29 10.45
O2' PSU A 14 -9.94 2.74 11.20
C3' PSU A 14 -9.33 4.32 9.44
C4' PSU A 14 -9.65 3.48 8.21
O3' PSU A 14 -10.55 4.89 9.92
O4' PSU A 14 -8.81 2.33 8.28
C5' PSU A 14 -9.40 4.28 6.93
O5' PSU A 14 -8.40 5.28 7.12
P PSU A 14 -8.35 6.59 6.18
OP1 PSU A 14 -9.73 7.09 6.01
OP2 PSU A 14 -7.30 7.49 6.70
HN1 PSU A 14 -4.58 4.43 7.86
HN3 PSU A 14 -3.80 1.57 10.64
H6 PSU A 14 -6.97 4.01 8.00
H1' PSU A 14 -8.36 1.25 9.99
H2' PSU A 14 -8.11 3.73 11.12
HO2' PSU A 14 -10.75 3.00 10.75
H3' PSU A 14 -8.58 5.08 9.24
H4' PSU A 14 -10.69 3.18 8.24
H5' PSU A 14 -9.07 3.60 6.14
H5'' PSU A 14 -10.32 4.77 6.62
N1 PSU A 6 2.54 -7.48 -2.11
C2 PSU A 6 3.69 -7.58 -1.38
N3 PSU A 6 4.52 -6.49 -1.33
C4 PSU A 6 4.31 -5.26 -1.96
C5 PSU A 6 3.07 -5.23 -2.70
C6 PSU A 6 2.23 -6.30 -2.76
O2 PSU A 6 3.97 -8.62 -0.79
O4 PSU A 6 5.14 -4.37 -1.83
C1' PSU A 6 2.71 -3.98 -3.46
C2' PSU A 6 3.43 -3.94 -4.81
O2' PSU A 6 4.02 -2.67 -5.05
C3' PSU A 6 2.32 -4.24 -5.81
C4' PSU A 6 1.07 -3.74 -5.12
O3' PSU A 6 2.55 -3.42 -6.97
O4' PSU A 6 1.30 -3.94 -3.72
C5' PSU A 6 -0.17 -4.49 -5.60
O5' PSU A 6 -1.19 -4.55 -4.59
P PSU A 6 -2.25 -5.75 -4.59
OP1 PSU A 6 -3.05 -5.67 -5.83
OP2 PSU A 6 -1.54 -7.00 -4.24
HN1 PSU A 6 1.93 -8.27 -2.14
HN3 PSU A 6 5.37 -6.59 -0.79
H6 PSU A 6 1.31 -6.23 -3.33
H1' PSU A 6 2.99 -3.11 -2.88
H2' PSU A 6 4.17 -4.73 -4.85
HO2' PSU A 6 4.95 -2.74 -4.85
H3' PSU A 6 2.26 -5.29 -6.06
H4' PSU A 6 0.95 -2.67 -5.31
H5' PSU A 6 -0.57 -3.98 -6.48
H5'' PSU A 6 0.11 -5.51 -5.87
N1 PSU A 7 6.61 -6.72 -8.11
C2 PSU A 7 7.76 -7.44 -7.92
N3 PSU A 7 8.80 -6.84 -7.24
C4 PSU A 7 8.79 -5.55 -6.74
C5 PSU A 7 7.56 -4.86 -6.98
C6 PSU A 7 6.52 -5.44 -7.64
O2 PSU A 7 7.86 -8.60 -8.33
O4 PSU A 7 9.79 -5.14 -6.15
C1' PSU A 7 7.41 -3.44 -6.49
C2' PSU A 7 8.25 -2.49 -7.33
O2' PSU A 7 8.92 -1.52 -6.51
C3' PSU A 7 7.24 -1.84 -8.25
C4' PSU A 7 5.91 -1.92 -7.49
O3' PSU A 7 7.60 -0.45 -8.43
O4' PSU A 7 6.05 -3.01 -6.58
C5' PSU A 7 4.75 -2.14 -8.45
O5' PSU A 7 4.46 -3.54 -8.60
P PSU A 7 2.97 -4.10 -8.38
OP1 PSU A 7 2.10 -3.55 -9.44
OP2 PSU A 7 3.05 -5.57 -8.17
HN1 PSU A 7 5.86 -7.17 -8.61
HN3 PSU A 7 9.63 -7.39 -7.11
H6 PSU A 7 5.60 -4.88 -7.81
H1' PSU A 7 7.74 -3.39 -5.44
H2' PSU A 7 8.98 -3.05 -7.92
HO2' PSU A 7 8.93 -1.87 -5.61
H3' PSU A 7 7.18 -2.36 -9.20
H4' PSU A 7 5.75 -0.99 -6.92
H5' PSU A 7 3.87 -1.64 -8.06
H5'' PSU A 7 5.01 -1.73 -9.42
N1 PSU A 12 1.53 3.95 3.60
C2 PSU A 12 1.25 2.67 3.98
N3 PSU A 12 0.14 2.07 3.43
C4 PSU A 12 -0.71 2.64 2.50
C5 PSU A 12 -0.34 3.99 2.14
C6 PSU A 12 0.75 4.60 2.68
O2 PSU A 12 1.94 2.08 4.80
O4 PSU A 12 -1.67 1.99 2.08
C1' PSU A 12 -1.20 4.74 1.16
C2' PSU A 12 -2.21 5.61 1.89
O2' PSU A 12 -3.40 5.80 1.12
C3' PSU A 12 -1.44 6.92 2.06
C4' PSU A 12 -0.63 6.99 0.78
O3' PSU A 12 -2.38 7.99 2.07
O4' PSU A 12 -0.39 5.64 0.37
C5' PSU A 12 0.69 7.74 1.02
O5' PSU A 12 1.33 7.30 2.22
P PSU A 12 2.51 8.17 2.88
OP1 PSU A 12 2.11 9.60 2.83
OP2 PSU A 12 2.87 7.56 4.17
HN1 PSU A 12 2.35 4.39 4.00
HN3 PSU A 12 -0.06 1.13 3.73
H6 PSU A 12 0.99 5.62 2.38
H1' PSU A 12 -1.71 4.05 0.50
H2' PSU A 12 -2.44 5.17 2.86
HO2' PSU A 12 -3.18 6.41 0.40
H3' PSU A 12 -0.82 6.90 2.95
H4' PSU A 12 -1.20 7.51 0.01
H5' PSU A 12 1.35 7.57 0.17
H5'' PSU A 12 0.48 8.81 1.10
N1 PSU A 14 -5.24 3.37 8.79
C2 PSU A 14 -4.43 2.65 9.64
N3 PSU A 14 -5.01 1.67 10.40
C4 PSU A 14 -6.34 1.31 10.39
C5 PSU A 14 -7.13 2.10 9.47
C6 PSU A 14 -6.57 3.09 8.71
O2 PSU A 14 -3.23 2.89 9.72
O4 PSU A 14 -6.74 0.40 11.12
C1' PSU A 14 -8.60 1.83 9.35
C2' PSU A 14 -9.39 2.70 10.33
O2' PSU A 14 -10.55 2.02 10.82
C3' PSU A 14 -9.78 3.90 9.47
C4' PSU A 14 -9.94 3.30 8.08
O3' PSU A 14 -11.05 4.37 9.91
O4' PSU A 14 -9.07 2.16 8.03
C5' PSU A 14 -9.58 4.31 7.00
O5' PSU A 14 -8.35 4.98 7.29
P PSU A 14 -8.09 6.49 6.80
OP1 PSU A 14 -9.40 7.18 6.75
OP2 PSU A 14 -6.98 7.06 7.59
HN1 PSU A 14 -4.81 4.09 8.23
HN3 PSU A 14 -4.39 1.15 11.02
H6 PSU A 14 -7.20 3.66 8.04
H1' PSU A 14 -8.80 0.78 9.56
H2' PSU A 14 -8.74 3.02 11.14
HO2' PSU A 14 -10.96 1.57 10.08
H3' PSU A 14 -9.02 4.67 9.49
H4' PSU A 14 -10.97 2.97 7.95
H5' PSU A 14 -9.49 3.80 6.04
H5'' PSU A 14 -10.38 5.06 6.94
N1 PSU A 6 1.92 -7.69 -2.21
C2 PSU A 6 3.06 -7.82 -1.47
N3 PSU A 6 3.86 -6.70 -1.35
C4 PSU A 6 3.62 -5.46 -1.90
C5 PSU A 6 2.39 -5.42 -2.67
C6 PSU A 6 1.59 -6.51 -2.80
O2 PSU A 6 3.36 -8.87 -0.93
O4 PSU A 6 4.42 -4.54 -1.71
C1' PSU A 6 2.00 -4.13 -3.35
C2' PSU A 6 2.75 -3.98 -4.67
O2' PSU A 6 3.29 -2.67 -4.82
C3' PSU A 6 1.69 -4.27 -5.73
C4' PSU A 6 0.39 -3.87 -5.05
O3' PSU A 6 1.91 -3.40 -6.84
O4' PSU A 6 0.59 -4.14 -3.66
C5' PSU A 6 -0.78 -4.68 -5.61
O5' PSU A 6 -1.89 -4.68 -4.71
P PSU A 6 -2.57 -6.06 -4.26
OP1 PSU A 6 -3.39 -6.57 -5.38
OP2 PSU A 6 -1.52 -6.92 -3.65
HN1 PSU A 6 1.33 -8.51 -2.30
HN3 PSU A 6 4.70 -6.80 -0.80
H6 PSU A 6 0.67 -6.43 -3.38
H1' PSU A 6 2.22 -3.29 -2.70
H2' PSU A 6 3.54 -4.74 -4.73
HO2' PSU A 6 3.69 -2.43 -3.98
H3' PSU A 6 1.69 -5.33 -6.02
H4' PSU A 6 0.22 -2.81 -5.20
H5' PSU A 6 -1.09 -4.25 -6.56
H5'' PSU A 6 -0.46 -5.72 -5.77
N1 PSU A 7 6.80 -5.87 -5.76
C2 PSU A 7 8.09 -6.23 -5.48
N3 PSU A 7 8.96 -5.24 -5.12
C4 PSU A 7 8.67 -3.89 -5.01
C5 PSU A 7 7.30 -3.59 -5.33
C6 PSU A 7 6.41 -4.57 -5.69
O2 PSU A 7 8.44 -7.41 -5.55
O4 PSU A 7 9.55 -3.10 -4.68
C1' PSU A 7 6.82 -2.16 -5.24
C2' PSU A 7 7.64 -1.27 -6.17
O2' PSU A 7 7.91 0.01 -5.57
C3' PSU A 7 6.74 -1.12 -7.39
C4' PSU A 7 5.34 -1.19 -6.80
O3' PSU A 7 6.94 0.18 -7.92
O4' PSU A 7 5.44 -2.06 -5.67
C5' PSU A 7 4.33 -1.72 -7.82
O5' PSU A 7 4.23 -3.14 -7.77
P PSU A 7 2.84 -3.88 -8.07
OP1 PSU A 7 2.27 -3.30 -9.32
OP2 PSU A 7 3.03 -5.34 -7.97
HN1 PSU A 7 6.15 -6.61 -6.03
HN3 PSU A 7 9.91 -5.52 -4.91
H6 PSU A 7 5.37 -4.30 -5.91
H1' PSU A 7 6.91 -1.80 -4.22
H2' PSU A 7 8.57 -1.77 -6.45
HO2' PSU A 7 7.06 0.44 -5.43
H3' PSU A 7 6.93 -1.91 -8.12
H4' PSU A 7 5.04 -0.20 -6.47
H5' PSU A 7 3.36 -1.30 -7.61
H5'' PSU A 7 4.64 -1.42 -8.82
N1 PSU A 12 0.98 3.14 2.69
C2 PSU A 12 0.51 1.87 2.93
N3 PSU A 12 -0.69 1.52 2.38
C4 PSU A 12 -1.50 2.33 1.60
C5 PSU A 12 -0.95 3.65 1.40
C6 PSU A 12 0.25 4.01 1.93
O2 PSU A 12 1.15 1.08 3.60
O4 PSU A 12 -2.57 1.90 1.17
C1' PSU A 12 -1.70 4.65 0.57
C2' PSU A 12 -2.64 5.48 1.46
O2' PSU A 12 -3.87 5.76 0.79
C3' PSU A 12 -1.84 6.74 1.70
C4' PSU A 12 -1.05 6.90 0.41
O3' PSU A 12 -2.76 7.84 1.79
O4' PSU A 12 -0.80 5.58 -0.07
C5' PSU A 12 0.26 7.65 0.66
O5' PSU A 12 1.01 7.06 1.74
P PSU A 12 2.12 7.92 2.52
OP1 PSU A 12 1.72 9.34 2.47
OP2 PSU A 12 2.36 7.28 3.84
HN1 PSU A 12 1.87 3.39 3.09
HN3 PSU A 12 -1.02 0.59 2.56
H6 PSU A 12 0.64 5.02 1.76
H1' PSU A 12 -2.29 4.13 -0.18
H2' PSU A 12 -2.82 4.96 2.40
HO2' PSU A 12 -4.30 4.91 0.60
H3' PSU A 12 -1.20 6.67 2.58
H4' PSU A 12 -1.64 7.45 -0.32
H5' PSU A 12 0.87 7.63 -0.24
H5'' PSU A 12 0.04 8.68 0.92
N1 PSU A 14 -5.23 3.69 8.65
C2 PSU A 14 -4.32 3.02 9.42
N3 PSU A 14 -4.77 1.97 10.19
C4 PSU A 14 -6.07 1.52 10.25
C5 PSU A 14 -6.98 2.27 9.42
C6 PSU A 14 -6.55 3.31 8.65
O2 PSU A 14 -3.13 3.34 9.42
O4 PSU A 14 -6.34 0.56 10.98
C1' PSU A 14 -8.44 1.90 9.39
C2' PSU A 14 -9.22 2.74 10.40
O2' PSU A 14 -10.31 2.00 10.96
C3' PSU A 14 -9.71 3.89 9.55
C4' PSU A 14 -9.92 3.26 8.18
O3' PSU A 14 -10.99 4.30 10.05
O4' PSU A 14 -9.00 2.15 8.11
C5' PSU A 14 -9.66 4.27 7.06
O5' PSU A 14 -8.50 5.05 7.32
P PSU A 14 -8.35 6.54 6.71
OP1 PSU A 14 -9.68 7.19 6.73
OP2 PSU A 14 -7.19 7.19 7.34
HN1 PSU A 14 -4.90 4.46 8.08
HN3 PSU A 14 -4.08 1.49 10.74
H6 PSU A 14 -7.26 3.85 8.04
H1' PSU A 14 -8.54 0.83 9.64
H2' PSU A 14 -8.55 3.09 11.18
HO2' PSU A 14 -10.68 1.46 10.26
H3' PSU A 14 -9.00 4.71 9.52
H4' PSU A 14 -10.93 2.89 8.10
H5' PSU A 14 -9.53 3.74 6.12
H5'' PSU A 14 -10.52 4.93 6.97
#